data_3DC2
#
_entry.id   3DC2
#
_cell.length_a   165.192
_cell.length_b   165.192
_cell.length_c   218.894
_cell.angle_alpha   90.00
_cell.angle_beta   90.00
_cell.angle_gamma   120.00
#
_symmetry.space_group_name_H-M   'P 65 2 2'
#
loop_
_entity.id
_entity.type
_entity.pdbx_description
1 polymer 'D-3-phosphoglycerate dehydrogenase'
2 non-polymer SERINE
3 non-polymer 'L(+)-TARTARIC ACID'
4 water water
#
_entity_poly.entity_id   1
_entity_poly.type   'polypeptide(L)'
_entity_poly.pdbx_seq_one_letter_code
;MVSLPVVLIADKLAPSTVAALGDQVEVRWVDGPDRDKLLAAVPEADALLVRSATTVDAEVLAAAPKLKIVARAGVGLDNV
DVDAATARGVLVVNAPTSNIHSAAEHALALLLAASRQIPAADASLREHTWKRSSFSGTEIFGKTVGVVGLGRIGQLVAQR
IAAFGAYVVAYDPYVSPARAAQLGIELLSLDDLLARADFISVHLPKTPETAGLIDKEALAKTKPGVIIVNAARGGLVDEA
ALADAITGGHVRAAGLDVFATEPCTDSPLFELAQVVVTPHLGASTAEAQDRAGTDVAESVRLALAGEFVPDAVNVGGGVV
NEEVAPWLDLVRKLGVLAGVLSDELPVSLSVQVRGELAAEEVEVLRLSALRGLFSAVIEDAVTFVNAPALAAERGVTAEI
CKASESPNHRSVVDVRAVGADGSVVTVSGTLYGPQLSQKIVQINGRHFDLRAQGINLIIHYVDRPGALGKIGTLLGTAGV
NIQAAQLSEDAEGPGATILLRLDQDVPDDVRTAIAAAVDAYKLEVVDLS
;
_entity_poly.pdbx_strand_id   A,B
#
# COMPACT_ATOMS: atom_id res chain seq x y z
N LEU A 4 -31.00 29.00 27.89
CA LEU A 4 -29.95 27.97 27.59
C LEU A 4 -30.28 27.13 26.33
N PRO A 5 -29.42 27.19 25.30
CA PRO A 5 -29.68 26.62 23.97
C PRO A 5 -30.16 25.17 24.01
N VAL A 6 -31.08 24.81 23.11
CA VAL A 6 -31.58 23.44 23.01
C VAL A 6 -31.05 22.68 21.78
N VAL A 7 -30.53 21.49 22.03
CA VAL A 7 -29.97 20.64 21.00
C VAL A 7 -30.83 19.38 20.91
N LEU A 8 -31.61 19.25 19.84
CA LEU A 8 -32.45 18.05 19.69
C LEU A 8 -31.72 16.94 18.93
N ILE A 9 -31.45 15.83 19.61
CA ILE A 9 -30.87 14.68 18.96
C ILE A 9 -31.96 13.69 18.52
N ALA A 10 -32.12 13.52 17.23
CA ALA A 10 -33.28 12.81 16.73
C ALA A 10 -32.93 11.45 16.19
N ASP A 11 -31.68 11.04 16.35
CA ASP A 11 -31.26 9.71 15.91
C ASP A 11 -30.40 9.03 17.00
N LYS A 12 -30.19 7.72 16.87
CA LYS A 12 -29.43 6.91 17.82
C LYS A 12 -27.99 7.36 18.05
N LEU A 13 -27.80 8.37 18.90
CA LEU A 13 -26.49 8.94 19.19
C LEU A 13 -26.23 9.05 20.70
N ALA A 14 -25.22 8.38 21.23
CA ALA A 14 -25.02 8.32 22.69
C ALA A 14 -24.67 9.68 23.25
N PRO A 15 -25.21 10.02 24.44
CA PRO A 15 -24.84 11.26 25.15
C PRO A 15 -23.31 11.42 25.37
N SER A 16 -22.63 10.33 25.73
CA SER A 16 -21.17 10.34 25.74
C SER A 16 -20.69 10.76 24.35
N THR A 17 -21.20 10.10 23.33
CA THR A 17 -20.84 10.42 21.97
C THR A 17 -20.99 11.93 21.64
N VAL A 18 -21.66 12.70 22.50
CA VAL A 18 -21.82 14.12 22.18
C VAL A 18 -21.48 15.06 23.34
N ALA A 19 -20.78 14.52 24.34
CA ALA A 19 -20.26 15.29 25.48
C ALA A 19 -19.44 16.53 25.07
N ALA A 20 -19.04 16.61 23.80
CA ALA A 20 -18.33 17.79 23.30
C ALA A 20 -19.17 19.09 23.36
N LEU A 21 -20.50 18.96 23.31
CA LEU A 21 -21.38 20.12 23.52
C LEU A 21 -21.23 20.41 24.98
N GLY A 22 -20.46 21.42 25.36
CA GLY A 22 -20.23 21.70 26.79
C GLY A 22 -21.49 21.65 27.63
N ASP A 23 -21.45 22.17 28.85
CA ASP A 23 -22.69 22.20 29.66
C ASP A 23 -23.43 23.53 29.53
N GLN A 24 -23.26 24.16 28.37
CA GLN A 24 -23.91 25.43 28.08
C GLN A 24 -25.21 25.22 27.36
N VAL A 25 -25.56 23.95 27.16
CA VAL A 25 -26.72 23.60 26.36
C VAL A 25 -27.59 22.52 27.02
N GLU A 26 -28.89 22.58 26.75
CA GLU A 26 -29.81 21.57 27.23
C GLU A 26 -30.06 20.62 26.07
N VAL A 27 -29.62 19.38 26.24
CA VAL A 27 -29.66 18.37 25.19
C VAL A 27 -30.83 17.43 25.41
N ARG A 28 -31.71 17.28 24.42
CA ARG A 28 -32.78 16.27 24.52
C ARG A 28 -32.84 15.33 23.30
N TRP A 29 -33.50 14.19 23.44
CA TRP A 29 -33.58 13.24 22.34
C TRP A 29 -35.02 13.20 21.81
N VAL A 30 -35.20 12.77 20.58
CA VAL A 30 -36.54 12.51 20.08
C VAL A 30 -36.45 11.33 19.13
N ASP A 31 -37.55 10.60 18.96
CA ASP A 31 -37.56 9.52 17.98
C ASP A 31 -37.75 10.05 16.56
N GLY A 32 -36.64 10.45 15.94
CA GLY A 32 -36.62 11.16 14.65
C GLY A 32 -37.42 10.59 13.50
N PRO A 33 -37.22 9.31 13.21
CA PRO A 33 -38.03 8.68 12.18
C PRO A 33 -39.53 8.59 12.51
N ASP A 34 -39.95 9.15 13.64
CA ASP A 34 -41.38 9.27 13.92
C ASP A 34 -41.86 10.69 13.67
N ARG A 35 -42.47 10.89 12.50
CA ARG A 35 -42.80 12.24 12.03
C ARG A 35 -43.57 13.03 13.08
N ASP A 36 -44.68 12.47 13.53
CA ASP A 36 -45.51 13.13 14.52
C ASP A 36 -44.69 13.58 15.72
N LYS A 37 -43.78 12.74 16.18
CA LYS A 37 -43.00 13.06 17.38
C LYS A 37 -41.99 14.15 17.10
N LEU A 38 -41.16 13.90 16.07
CA LEU A 38 -40.21 14.88 15.54
C LEU A 38 -40.75 16.29 15.36
N LEU A 39 -41.81 16.44 14.55
CA LEU A 39 -42.45 17.72 14.29
C LEU A 39 -42.87 18.41 15.58
N ALA A 40 -43.32 17.62 16.55
CA ALA A 40 -43.72 18.18 17.84
C ALA A 40 -42.47 18.65 18.59
N ALA A 41 -41.38 17.91 18.42
CA ALA A 41 -40.19 18.20 19.19
C ALA A 41 -39.40 19.40 18.67
N VAL A 42 -39.41 19.65 17.37
CA VAL A 42 -38.43 20.58 16.78
C VAL A 42 -38.63 22.07 17.11
N PRO A 43 -39.88 22.48 17.29
CA PRO A 43 -40.14 23.91 17.48
C PRO A 43 -39.19 24.70 18.39
N GLU A 44 -38.69 24.15 19.49
CA GLU A 44 -37.78 24.95 20.32
C GLU A 44 -36.31 24.51 20.26
N ALA A 45 -35.96 23.86 19.16
CA ALA A 45 -34.59 23.42 18.94
C ALA A 45 -33.75 24.55 18.39
N ASP A 46 -32.62 24.83 19.02
CA ASP A 46 -31.66 25.73 18.38
C ASP A 46 -30.78 24.95 17.39
N ALA A 47 -30.73 23.63 17.60
CA ALA A 47 -29.80 22.76 16.91
C ALA A 47 -30.44 21.38 16.70
N LEU A 48 -30.11 20.74 15.60
CA LEU A 48 -30.68 19.44 15.34
C LEU A 48 -29.60 18.46 14.91
N LEU A 49 -29.37 17.39 15.69
CA LEU A 49 -28.42 16.33 15.30
C LEU A 49 -29.18 15.16 14.77
N VAL A 50 -28.77 14.67 13.62
CA VAL A 50 -29.45 13.55 13.04
C VAL A 50 -28.42 12.58 12.50
N ARG A 51 -28.83 11.34 12.24
CA ARG A 51 -27.86 10.42 11.69
C ARG A 51 -28.23 10.11 10.23
N SER A 52 -29.17 9.22 10.01
CA SER A 52 -29.62 9.04 8.65
C SER A 52 -31.03 8.55 8.65
N ALA A 53 -31.53 8.13 9.80
CA ALA A 53 -32.88 7.60 9.85
C ALA A 53 -33.87 8.74 9.74
N THR A 54 -33.56 9.86 10.39
CA THR A 54 -34.42 11.04 10.32
C THR A 54 -34.23 11.78 8.99
N THR A 55 -35.35 12.19 8.39
CA THR A 55 -35.23 13.01 7.20
C THR A 55 -35.55 14.49 7.56
N VAL A 56 -34.54 15.33 7.40
CA VAL A 56 -34.72 16.73 7.70
C VAL A 56 -35.12 17.44 6.40
N ASP A 57 -36.42 17.75 6.39
CA ASP A 57 -37.28 17.93 5.24
C ASP A 57 -37.58 19.41 5.11
N ALA A 58 -38.24 19.78 4.03
CA ALA A 58 -38.89 21.09 3.97
C ALA A 58 -39.83 21.29 5.19
N GLU A 59 -40.76 20.36 5.37
CA GLU A 59 -41.68 20.44 6.51
C GLU A 59 -40.95 20.66 7.85
N VAL A 60 -39.95 19.83 8.12
CA VAL A 60 -39.23 19.95 9.39
C VAL A 60 -38.74 21.38 9.62
N LEU A 61 -37.95 21.90 8.68
CA LEU A 61 -37.34 23.22 8.83
C LEU A 61 -38.37 24.31 9.08
N ALA A 62 -39.54 24.15 8.49
CA ALA A 62 -40.56 25.16 8.61
C ALA A 62 -41.18 25.01 9.99
N ALA A 63 -41.23 23.78 10.46
CA ALA A 63 -41.68 23.59 11.80
C ALA A 63 -40.65 24.16 12.77
N ALA A 64 -39.42 24.39 12.32
CA ALA A 64 -38.35 24.73 13.29
C ALA A 64 -37.82 26.13 13.18
N PRO A 65 -38.57 27.11 13.68
CA PRO A 65 -38.21 28.48 13.35
C PRO A 65 -37.04 29.02 14.18
N LYS A 66 -36.55 28.29 15.18
CA LYS A 66 -35.49 28.86 16.01
C LYS A 66 -34.10 28.31 15.59
N LEU A 67 -34.12 27.45 14.56
CA LEU A 67 -33.02 26.57 14.17
C LEU A 67 -31.79 27.28 13.69
N LYS A 68 -30.63 26.78 14.07
CA LYS A 68 -29.41 27.43 13.63
C LYS A 68 -28.46 26.50 12.88
N ILE A 69 -28.44 25.22 13.27
CA ILE A 69 -27.52 24.19 12.76
C ILE A 69 -28.28 22.90 12.73
N VAL A 70 -28.40 22.32 11.56
CA VAL A 70 -28.78 20.92 11.43
C VAL A 70 -27.44 20.23 11.18
N ALA A 71 -27.11 19.26 12.01
CA ALA A 71 -25.83 18.56 11.91
C ALA A 71 -26.02 17.10 11.54
N ARG A 72 -25.30 16.65 10.54
CA ARG A 72 -25.39 15.24 10.19
C ARG A 72 -24.21 14.41 10.73
N ALA A 73 -24.45 13.50 11.69
CA ALA A 73 -23.39 12.60 12.11
C ALA A 73 -23.09 11.56 11.01
N GLY A 74 -22.25 11.94 10.04
CA GLY A 74 -22.01 11.12 8.86
C GLY A 74 -21.32 11.86 7.71
N VAL A 75 -21.11 11.16 6.59
CA VAL A 75 -20.59 11.83 5.41
C VAL A 75 -21.72 12.20 4.45
N GLY A 76 -22.73 11.35 4.36
CA GLY A 76 -23.78 11.60 3.36
C GLY A 76 -24.74 12.71 3.74
N LEU A 77 -25.50 13.20 2.73
CA LEU A 77 -26.52 14.20 2.98
C LEU A 77 -27.91 13.88 2.44
N ASP A 78 -28.07 12.70 1.87
CA ASP A 78 -29.33 12.37 1.19
C ASP A 78 -30.58 12.52 2.05
N ASN A 79 -30.43 12.42 3.37
CA ASN A 79 -31.56 12.63 4.29
C ASN A 79 -31.76 14.07 4.67
N VAL A 80 -31.09 14.98 3.96
CA VAL A 80 -31.24 16.42 4.24
C VAL A 80 -31.42 17.28 2.99
N ASP A 81 -32.40 18.18 3.05
CA ASP A 81 -32.64 19.12 1.96
C ASP A 81 -31.95 20.42 2.34
N VAL A 82 -30.67 20.48 1.97
CA VAL A 82 -29.81 21.64 2.19
C VAL A 82 -30.36 22.94 1.59
N ASP A 83 -30.55 22.97 0.27
CA ASP A 83 -31.15 24.13 -0.37
C ASP A 83 -32.29 24.72 0.48
N ALA A 84 -33.11 23.88 1.10
CA ALA A 84 -34.17 24.36 1.98
C ALA A 84 -33.58 25.00 3.23
N ALA A 85 -32.66 24.32 3.88
CA ALA A 85 -32.00 24.90 5.06
C ALA A 85 -31.28 26.22 4.70
N THR A 86 -30.60 26.24 3.55
CA THR A 86 -29.92 27.47 3.07
C THR A 86 -30.87 28.66 3.01
N ALA A 87 -32.06 28.42 2.48
CA ALA A 87 -33.03 29.48 2.28
C ALA A 87 -33.71 29.89 3.58
N ARG A 88 -33.59 29.08 4.62
CA ARG A 88 -34.13 29.50 5.90
C ARG A 88 -33.04 30.05 6.85
N GLY A 89 -31.84 30.25 6.30
CA GLY A 89 -30.70 30.69 7.11
C GLY A 89 -30.08 29.63 8.04
N VAL A 90 -30.40 28.37 7.80
CA VAL A 90 -29.92 27.32 8.71
C VAL A 90 -28.71 26.56 8.17
N LEU A 91 -27.62 26.75 8.89
CA LEU A 91 -26.31 26.19 8.62
C LEU A 91 -26.37 24.68 8.65
N VAL A 92 -26.04 24.03 7.53
CA VAL A 92 -25.86 22.56 7.55
C VAL A 92 -24.40 22.16 7.72
N VAL A 93 -24.17 21.11 8.48
CA VAL A 93 -22.83 20.67 8.74
C VAL A 93 -22.84 19.14 8.67
N ASN A 94 -21.69 18.53 8.43
CA ASN A 94 -21.63 17.06 8.54
C ASN A 94 -20.35 16.65 9.23
N ALA A 95 -19.96 15.39 9.07
CA ALA A 95 -18.68 14.90 9.61
C ALA A 95 -17.84 14.35 8.46
N PRO A 96 -17.21 15.22 7.70
CA PRO A 96 -16.77 14.68 6.38
C PRO A 96 -15.63 13.66 6.45
N THR A 97 -14.86 13.69 7.56
CA THR A 97 -13.63 12.91 7.67
C THR A 97 -13.69 11.88 8.81
N SER A 98 -14.92 11.58 9.19
CA SER A 98 -15.16 10.64 10.24
C SER A 98 -15.10 9.18 9.81
N ASN A 99 -15.17 8.88 8.50
CA ASN A 99 -15.22 7.47 8.12
C ASN A 99 -13.98 7.03 7.38
N ILE A 100 -13.04 7.95 7.15
CA ILE A 100 -11.91 7.65 6.27
C ILE A 100 -11.11 6.41 6.69
N HIS A 101 -10.80 6.31 7.97
CA HIS A 101 -10.05 5.15 8.42
C HIS A 101 -10.81 3.83 8.24
N SER A 102 -12.06 3.77 8.74
CA SER A 102 -12.88 2.58 8.53
C SER A 102 -13.09 2.21 7.05
N ALA A 103 -13.22 3.20 6.20
CA ALA A 103 -13.43 2.93 4.81
C ALA A 103 -12.13 2.46 4.11
N ALA A 104 -11.01 3.10 4.41
CA ALA A 104 -9.76 2.61 3.82
C ALA A 104 -9.51 1.19 4.30
N GLU A 105 -9.75 0.94 5.58
CA GLU A 105 -9.51 -0.39 6.10
C GLU A 105 -10.39 -1.38 5.37
N HIS A 106 -11.66 -1.03 5.19
CA HIS A 106 -12.52 -1.94 4.43
C HIS A 106 -12.03 -2.22 2.99
N ALA A 107 -11.57 -1.20 2.28
CA ALA A 107 -11.00 -1.37 0.95
C ALA A 107 -9.92 -2.39 1.03
N LEU A 108 -8.99 -2.18 1.95
CA LEU A 108 -7.95 -3.17 2.19
C LEU A 108 -8.56 -4.53 2.50
N ALA A 109 -9.55 -4.59 3.39
CA ALA A 109 -10.17 -5.91 3.71
C ALA A 109 -10.63 -6.60 2.44
N LEU A 110 -11.46 -5.90 1.67
CA LEU A 110 -11.96 -6.41 0.42
C LEU A 110 -10.78 -6.84 -0.48
N LEU A 111 -9.74 -6.05 -0.53
CA LEU A 111 -8.65 -6.40 -1.39
C LEU A 111 -8.03 -7.75 -0.96
N LEU A 112 -7.80 -7.94 0.33
CA LEU A 112 -7.17 -9.18 0.73
C LEU A 112 -8.17 -10.31 0.63
N ALA A 113 -9.36 -10.07 1.13
CA ALA A 113 -10.40 -11.06 1.15
C ALA A 113 -10.60 -11.62 -0.24
N ALA A 114 -10.34 -10.81 -1.25
CA ALA A 114 -10.66 -11.24 -2.60
C ALA A 114 -9.51 -11.94 -3.24
N SER A 115 -8.30 -11.61 -2.82
CA SER A 115 -7.11 -12.14 -3.47
C SER A 115 -6.87 -13.53 -2.95
N ARG A 116 -7.53 -13.82 -1.82
CA ARG A 116 -7.37 -15.06 -1.08
C ARG A 116 -8.67 -15.84 -0.95
N GLN A 117 -9.71 -15.39 -1.63
CA GLN A 117 -10.92 -16.20 -1.72
C GLN A 117 -11.36 -16.64 -0.37
N ILE A 118 -11.22 -15.75 0.60
CA ILE A 118 -11.63 -16.01 2.00
C ILE A 118 -13.07 -16.48 2.28
N PRO A 119 -14.10 -15.73 1.85
CA PRO A 119 -15.42 -16.16 2.29
C PRO A 119 -15.75 -17.51 1.70
N ALA A 120 -15.25 -17.77 0.49
CA ALA A 120 -15.44 -19.09 -0.11
C ALA A 120 -14.70 -20.19 0.68
N ALA A 121 -13.43 -19.94 1.04
CA ALA A 121 -12.73 -20.89 1.89
C ALA A 121 -13.56 -21.10 3.16
N ASP A 122 -13.77 -20.01 3.92
CA ASP A 122 -14.58 -20.05 5.12
C ASP A 122 -15.89 -20.76 4.88
N ALA A 123 -16.52 -20.46 3.76
CA ALA A 123 -17.77 -21.16 3.43
C ALA A 123 -17.51 -22.64 3.25
N SER A 124 -16.35 -22.99 2.72
CA SER A 124 -16.05 -24.38 2.45
C SER A 124 -15.96 -25.24 3.73
N LEU A 125 -15.33 -24.70 4.79
CA LEU A 125 -15.26 -25.38 6.08
C LEU A 125 -16.60 -25.40 6.81
N ARG A 126 -17.48 -24.46 6.42
CA ARG A 126 -18.85 -24.39 6.94
C ARG A 126 -19.74 -25.54 6.41
N GLU A 127 -19.39 -26.07 5.24
CA GLU A 127 -20.11 -27.21 4.67
C GLU A 127 -19.50 -28.57 5.11
N HIS A 128 -18.27 -28.52 5.63
CA HIS A 128 -17.56 -29.70 6.14
C HIS A 128 -16.70 -30.39 5.09
N THR A 129 -16.05 -29.62 4.23
CA THR A 129 -15.14 -30.22 3.25
C THR A 129 -13.76 -29.60 3.27
N TRP A 130 -12.74 -30.45 3.16
CA TRP A 130 -11.36 -29.98 3.09
C TRP A 130 -11.00 -29.71 1.64
N LYS A 131 -11.47 -28.60 1.10
CA LYS A 131 -11.13 -28.28 -0.28
C LYS A 131 -9.94 -27.29 -0.41
N ARG A 132 -8.89 -27.52 0.39
CA ARG A 132 -7.64 -26.73 0.36
C ARG A 132 -6.94 -26.68 -1.01
N SER A 133 -6.96 -27.78 -1.75
CA SER A 133 -6.27 -27.93 -3.04
C SER A 133 -6.85 -27.05 -4.16
N SER A 134 -8.06 -26.55 -3.95
CA SER A 134 -8.79 -25.88 -5.00
C SER A 134 -8.47 -24.39 -5.00
N PHE A 135 -8.03 -23.87 -3.85
CA PHE A 135 -7.77 -22.45 -3.72
C PHE A 135 -6.39 -22.05 -4.21
N SER A 136 -6.27 -20.79 -4.60
CA SER A 136 -5.03 -20.20 -5.04
C SER A 136 -5.20 -18.68 -4.95
N GLY A 137 -4.45 -18.07 -4.05
CA GLY A 137 -4.57 -16.65 -3.80
C GLY A 137 -3.45 -15.90 -4.51
N THR A 138 -3.48 -14.58 -4.42
CA THR A 138 -2.53 -13.76 -5.13
C THR A 138 -1.74 -12.97 -4.12
N GLU A 139 -0.42 -13.01 -4.26
CA GLU A 139 0.47 -12.43 -3.28
C GLU A 139 0.58 -10.97 -3.65
N ILE A 140 0.91 -10.11 -2.67
CA ILE A 140 0.90 -8.66 -2.88
C ILE A 140 2.30 -8.07 -2.98
N PHE A 141 3.20 -8.53 -2.13
CA PHE A 141 4.57 -8.02 -2.17
C PHE A 141 5.10 -7.83 -3.59
N GLY A 142 5.69 -6.69 -3.88
CA GLY A 142 6.27 -6.43 -5.22
C GLY A 142 5.29 -6.14 -6.37
N LYS A 143 3.98 -6.21 -6.11
CA LYS A 143 3.00 -6.03 -7.17
C LYS A 143 2.76 -4.56 -7.28
N THR A 144 2.17 -4.11 -8.40
CA THR A 144 1.82 -2.70 -8.51
C THR A 144 0.37 -2.44 -8.12
N VAL A 145 0.13 -1.42 -7.30
CA VAL A 145 -1.25 -1.10 -7.00
C VAL A 145 -1.64 0.25 -7.53
N GLY A 146 -2.75 0.27 -8.26
CA GLY A 146 -3.28 1.47 -8.90
C GLY A 146 -4.42 1.98 -8.05
N VAL A 147 -4.27 3.22 -7.61
CA VAL A 147 -5.27 3.88 -6.85
C VAL A 147 -5.90 4.92 -7.74
N VAL A 148 -7.18 4.78 -8.03
CA VAL A 148 -7.89 5.71 -8.88
C VAL A 148 -8.62 6.70 -7.99
N GLY A 149 -8.13 7.93 -7.95
CA GLY A 149 -8.69 8.91 -7.01
C GLY A 149 -7.82 8.96 -5.75
N LEU A 150 -7.06 10.04 -5.57
CA LEU A 150 -6.12 10.15 -4.47
C LEU A 150 -6.60 11.14 -3.40
N GLY A 151 -7.87 11.09 -3.01
CA GLY A 151 -8.33 11.91 -1.89
C GLY A 151 -7.91 11.25 -0.61
N ARG A 152 -8.56 11.57 0.49
CA ARG A 152 -8.07 11.13 1.79
C ARG A 152 -7.97 9.63 1.88
N ILE A 153 -9.09 8.99 1.62
CA ILE A 153 -9.17 7.54 1.68
C ILE A 153 -8.13 6.84 0.74
N GLY A 154 -8.14 7.20 -0.53
CA GLY A 154 -7.08 6.75 -1.42
C GLY A 154 -5.69 7.01 -0.87
N GLN A 155 -5.42 8.14 -0.21
CA GLN A 155 -4.01 8.31 0.26
C GLN A 155 -3.75 7.39 1.43
N LEU A 156 -4.76 7.17 2.26
CA LEU A 156 -4.71 6.16 3.33
C LEU A 156 -4.45 4.73 2.80
N VAL A 157 -5.34 4.27 1.91
CA VAL A 157 -5.12 3.01 1.29
C VAL A 157 -3.73 3.01 0.72
N ALA A 158 -3.30 4.09 0.07
CA ALA A 158 -1.94 4.04 -0.46
C ALA A 158 -0.90 3.85 0.63
N GLN A 159 -0.98 4.54 1.76
CA GLN A 159 0.04 4.25 2.79
C GLN A 159 -0.01 2.79 3.23
N ARG A 160 -1.21 2.24 3.43
CA ARG A 160 -1.29 0.88 3.98
C ARG A 160 -0.74 -0.12 3.00
N ILE A 161 -1.29 -0.14 1.81
CA ILE A 161 -0.78 -1.07 0.80
C ILE A 161 0.72 -0.94 0.58
N ALA A 162 1.27 0.25 0.77
CA ALA A 162 2.72 0.40 0.45
C ALA A 162 3.58 -0.40 1.41
N ALA A 163 3.13 -0.46 2.67
CA ALA A 163 3.80 -1.22 3.72
C ALA A 163 3.76 -2.69 3.46
N PHE A 164 2.87 -3.18 2.58
CA PHE A 164 3.00 -4.57 2.10
C PHE A 164 4.11 -4.73 1.05
N GLY A 165 4.92 -3.70 0.88
CA GLY A 165 5.89 -3.78 -0.20
C GLY A 165 5.27 -3.79 -1.59
N ALA A 166 4.16 -3.09 -1.80
CA ALA A 166 3.65 -2.91 -3.15
C ALA A 166 4.14 -1.58 -3.71
N TYR A 167 4.24 -1.43 -5.02
CA TYR A 167 4.42 -0.12 -5.60
C TYR A 167 3.11 0.57 -5.83
N VAL A 168 3.04 1.80 -5.42
CA VAL A 168 1.87 2.55 -5.67
C VAL A 168 2.01 3.59 -6.78
N VAL A 169 0.98 3.65 -7.60
CA VAL A 169 0.78 4.61 -8.68
C VAL A 169 -0.70 5.04 -8.52
N ALA A 170 -1.02 6.24 -8.98
CA ALA A 170 -2.38 6.73 -8.87
C ALA A 170 -2.80 7.55 -10.08
N TYR A 171 -4.11 7.61 -10.31
CA TYR A 171 -4.64 8.54 -11.30
C TYR A 171 -5.49 9.53 -10.56
N ASP A 172 -5.19 10.81 -10.77
CA ASP A 172 -5.99 11.87 -10.19
C ASP A 172 -5.59 13.26 -10.71
N PRO A 173 -6.26 13.71 -11.77
CA PRO A 173 -5.92 15.04 -12.28
C PRO A 173 -6.17 16.17 -11.28
N TYR A 174 -6.66 15.84 -10.08
CA TYR A 174 -6.97 16.87 -9.07
C TYR A 174 -6.13 16.70 -7.80
N VAL A 175 -4.92 16.20 -7.99
CA VAL A 175 -3.88 16.29 -7.00
C VAL A 175 -2.66 16.83 -7.74
N SER A 176 -1.98 17.77 -7.12
CA SER A 176 -0.91 18.41 -7.83
C SER A 176 0.22 17.42 -7.88
N PRO A 177 1.02 17.45 -8.94
CA PRO A 177 2.16 16.54 -9.09
C PRO A 177 3.10 16.57 -7.93
N ALA A 178 3.38 17.75 -7.38
CA ALA A 178 4.25 17.87 -6.20
C ALA A 178 3.62 17.16 -5.02
N ARG A 179 2.32 17.31 -4.85
CA ARG A 179 1.67 16.66 -3.72
C ARG A 179 1.81 15.14 -3.82
N ALA A 180 1.79 14.62 -5.04
CA ALA A 180 1.81 13.16 -5.23
C ALA A 180 3.18 12.66 -4.81
N ALA A 181 4.15 13.43 -5.26
CA ALA A 181 5.54 13.08 -5.14
C ALA A 181 5.87 13.12 -3.67
N GLN A 182 5.28 14.04 -2.91
CA GLN A 182 5.48 14.08 -1.48
C GLN A 182 4.96 12.84 -0.86
N LEU A 183 3.88 12.30 -1.43
CA LEU A 183 3.25 11.10 -0.87
C LEU A 183 4.02 9.89 -1.34
N GLY A 184 5.02 10.15 -2.17
CA GLY A 184 5.81 9.08 -2.72
C GLY A 184 5.01 8.24 -3.68
N ILE A 185 4.10 8.86 -4.41
CA ILE A 185 3.28 8.18 -5.42
C ILE A 185 3.51 8.68 -6.86
N GLU A 186 3.52 7.77 -7.84
CA GLU A 186 3.72 8.19 -9.22
C GLU A 186 2.35 8.44 -9.84
N LEU A 187 2.10 9.67 -10.35
CA LEU A 187 0.86 10.02 -11.09
C LEU A 187 0.79 9.62 -12.60
N LEU A 188 -0.20 8.83 -12.99
CA LEU A 188 -0.34 8.34 -14.36
C LEU A 188 -1.67 8.71 -14.97
N SER A 189 -1.68 8.81 -16.29
CA SER A 189 -2.95 8.81 -17.01
C SER A 189 -3.72 7.53 -16.60
N LEU A 190 -5.04 7.61 -16.58
CA LEU A 190 -5.81 6.44 -16.21
C LEU A 190 -5.52 5.25 -17.14
N ASP A 191 -5.11 5.56 -18.38
CA ASP A 191 -4.62 4.58 -19.37
C ASP A 191 -3.37 3.81 -18.88
N ASP A 192 -2.39 4.55 -18.38
CA ASP A 192 -1.18 3.96 -17.87
C ASP A 192 -1.38 3.17 -16.58
N LEU A 193 -2.28 3.64 -15.74
CA LEU A 193 -2.55 2.94 -14.50
C LEU A 193 -3.16 1.60 -14.88
N LEU A 194 -4.32 1.66 -15.52
CA LEU A 194 -4.97 0.46 -16.08
C LEU A 194 -4.00 -0.63 -16.62
N ALA A 195 -3.08 -0.24 -17.49
CA ALA A 195 -2.15 -1.16 -18.09
C ALA A 195 -1.20 -1.78 -17.08
N ARG A 196 -0.90 -1.00 -16.05
CA ARG A 196 0.29 -1.24 -15.27
C ARG A 196 -0.01 -1.85 -13.91
N ALA A 197 -1.21 -1.63 -13.40
CA ALA A 197 -1.56 -2.11 -12.08
C ALA A 197 -1.85 -3.60 -12.05
N ASP A 198 -1.42 -4.27 -10.98
CA ASP A 198 -1.87 -5.63 -10.68
C ASP A 198 -3.12 -5.61 -9.78
N PHE A 199 -3.21 -4.56 -8.95
CA PHE A 199 -4.40 -4.30 -8.14
C PHE A 199 -4.94 -2.88 -8.41
N ILE A 200 -6.25 -2.72 -8.48
CA ILE A 200 -6.79 -1.38 -8.63
C ILE A 200 -7.81 -1.20 -7.52
N SER A 201 -7.64 -0.18 -6.69
CA SER A 201 -8.71 0.17 -5.75
C SER A 201 -9.21 1.55 -6.14
N VAL A 202 -10.53 1.75 -6.21
CA VAL A 202 -11.00 3.02 -6.75
C VAL A 202 -11.52 3.90 -5.66
N HIS A 203 -11.31 5.19 -5.84
CA HIS A 203 -11.58 6.19 -4.79
C HIS A 203 -12.03 7.54 -5.28
N LEU A 204 -12.97 7.51 -6.21
CA LEU A 204 -13.62 8.68 -6.76
C LEU A 204 -14.95 8.99 -6.08
N PRO A 205 -15.25 10.28 -5.91
CA PRO A 205 -16.63 10.66 -5.59
C PRO A 205 -17.49 10.34 -6.81
N LYS A 206 -18.81 10.45 -6.66
CA LYS A 206 -19.72 10.23 -7.80
C LYS A 206 -20.16 11.54 -8.42
N THR A 207 -19.80 11.73 -9.68
CA THR A 207 -20.10 12.93 -10.44
C THR A 207 -20.21 12.50 -11.88
N PRO A 208 -21.11 13.14 -12.64
CA PRO A 208 -21.25 12.77 -14.06
C PRO A 208 -19.88 12.59 -14.74
N GLU A 209 -18.92 13.42 -14.31
CA GLU A 209 -17.49 13.25 -14.64
C GLU A 209 -16.99 11.81 -14.41
N THR A 210 -17.64 11.13 -13.47
CA THR A 210 -17.08 9.95 -12.84
C THR A 210 -17.91 8.67 -13.06
N ALA A 211 -19.23 8.79 -12.93
CA ALA A 211 -20.07 7.59 -12.92
C ALA A 211 -19.67 6.64 -14.03
N GLY A 212 -19.56 5.35 -13.71
CA GLY A 212 -19.21 4.32 -14.69
C GLY A 212 -17.88 4.51 -15.42
N LEU A 213 -16.87 5.02 -14.71
CA LEU A 213 -15.54 5.18 -15.31
C LEU A 213 -15.01 3.87 -15.88
N ILE A 214 -14.85 2.89 -15.00
CA ILE A 214 -14.28 1.62 -15.38
C ILE A 214 -15.32 0.79 -16.14
N ASP A 215 -15.46 1.09 -17.43
CA ASP A 215 -16.42 0.41 -18.29
C ASP A 215 -15.81 -0.79 -19.00
N LYS A 216 -16.60 -1.44 -19.84
CA LYS A 216 -16.14 -2.60 -20.60
C LYS A 216 -14.84 -2.27 -21.32
N GLU A 217 -14.75 -1.05 -21.82
CA GLU A 217 -13.59 -0.61 -22.58
C GLU A 217 -12.38 -0.41 -21.67
N ALA A 218 -12.61 -0.08 -20.41
CA ALA A 218 -11.51 0.20 -19.50
C ALA A 218 -10.92 -1.10 -18.95
N LEU A 219 -11.82 -1.98 -18.51
CA LEU A 219 -11.43 -3.30 -18.03
C LEU A 219 -10.56 -4.03 -19.04
N ALA A 220 -10.72 -3.73 -20.32
CA ALA A 220 -10.04 -4.47 -21.39
C ALA A 220 -8.58 -4.02 -21.55
N LYS A 221 -8.22 -2.94 -20.86
CA LYS A 221 -6.86 -2.45 -20.93
C LYS A 221 -6.13 -2.93 -19.70
N THR A 222 -6.86 -3.56 -18.79
CA THR A 222 -6.21 -3.92 -17.56
C THR A 222 -5.42 -5.17 -17.74
N LYS A 223 -4.30 -5.27 -17.03
CA LYS A 223 -3.50 -6.47 -16.92
C LYS A 223 -4.33 -7.75 -16.67
N PRO A 224 -4.11 -8.78 -17.49
CA PRO A 224 -4.78 -10.05 -17.15
C PRO A 224 -4.27 -10.51 -15.79
N GLY A 225 -5.18 -11.03 -14.97
CA GLY A 225 -4.89 -11.29 -13.56
C GLY A 225 -5.21 -10.15 -12.61
N VAL A 226 -5.61 -8.96 -13.11
CA VAL A 226 -6.00 -7.89 -12.16
C VAL A 226 -6.99 -8.30 -11.11
N ILE A 227 -6.80 -7.74 -9.94
CA ILE A 227 -7.84 -7.80 -8.92
C ILE A 227 -8.26 -6.38 -8.68
N ILE A 228 -9.56 -6.13 -8.72
CA ILE A 228 -10.11 -4.78 -8.65
C ILE A 228 -11.05 -4.62 -7.48
N VAL A 229 -11.02 -3.46 -6.84
CA VAL A 229 -11.78 -3.25 -5.62
C VAL A 229 -12.44 -1.88 -5.60
N ASN A 230 -13.76 -1.85 -5.50
CA ASN A 230 -14.42 -0.58 -5.35
C ASN A 230 -15.19 -0.50 -4.06
N ALA A 231 -14.64 0.24 -3.11
CA ALA A 231 -15.31 0.42 -1.83
C ALA A 231 -15.86 1.82 -1.75
N ALA A 232 -15.70 2.58 -2.82
CA ALA A 232 -16.01 4.00 -2.84
C ALA A 232 -17.45 4.36 -3.18
N ARG A 233 -17.82 4.30 -4.45
CA ARG A 233 -19.14 4.79 -4.77
C ARG A 233 -19.95 3.95 -5.75
N GLY A 234 -21.19 3.68 -5.34
CA GLY A 234 -22.28 3.41 -6.28
C GLY A 234 -21.82 2.56 -7.42
N GLY A 235 -21.78 3.10 -8.64
CA GLY A 235 -21.43 2.26 -9.78
C GLY A 235 -20.13 2.60 -10.49
N LEU A 236 -19.11 3.04 -9.74
CA LEU A 236 -17.86 3.51 -10.38
C LEU A 236 -17.29 2.51 -11.38
N VAL A 237 -17.45 1.23 -11.10
CA VAL A 237 -16.97 0.23 -11.98
C VAL A 237 -18.20 -0.51 -12.44
N ASP A 238 -18.35 -0.63 -13.75
CA ASP A 238 -19.56 -1.15 -14.38
C ASP A 238 -19.87 -2.60 -14.01
N GLU A 239 -20.97 -2.83 -13.34
CA GLU A 239 -21.22 -4.14 -12.80
C GLU A 239 -21.28 -5.18 -13.91
N ALA A 240 -21.97 -4.87 -14.99
CA ALA A 240 -22.14 -5.85 -16.06
C ALA A 240 -20.82 -6.21 -16.75
N ALA A 241 -19.97 -5.20 -16.96
CA ALA A 241 -18.76 -5.40 -17.73
C ALA A 241 -17.77 -6.18 -16.88
N LEU A 242 -17.87 -5.97 -15.57
CA LEU A 242 -17.07 -6.70 -14.57
C LEU A 242 -17.48 -8.15 -14.61
N ALA A 243 -18.79 -8.41 -14.59
CA ALA A 243 -19.26 -9.78 -14.60
C ALA A 243 -18.72 -10.47 -15.86
N ASP A 244 -18.71 -9.74 -16.97
CA ASP A 244 -18.21 -10.31 -18.22
C ASP A 244 -16.73 -10.71 -18.14
N ALA A 245 -15.96 -9.92 -17.41
CA ALA A 245 -14.52 -10.11 -17.37
C ALA A 245 -14.08 -11.14 -16.33
N ILE A 246 -14.76 -11.16 -15.18
CA ILE A 246 -14.55 -12.21 -14.21
C ILE A 246 -14.72 -13.54 -14.94
N THR A 247 -15.91 -13.75 -15.51
CA THR A 247 -16.28 -15.00 -16.17
C THR A 247 -15.25 -15.40 -17.23
N GLY A 248 -14.90 -14.44 -18.11
CA GLY A 248 -13.84 -14.65 -19.11
C GLY A 248 -12.47 -14.89 -18.49
N GLY A 249 -12.37 -14.62 -17.18
CA GLY A 249 -11.14 -14.88 -16.43
C GLY A 249 -10.15 -13.75 -16.44
N HIS A 250 -10.36 -12.79 -17.34
CA HIS A 250 -9.41 -11.69 -17.51
C HIS A 250 -9.11 -10.90 -16.23
N VAL A 251 -10.12 -10.68 -15.40
CA VAL A 251 -9.84 -10.17 -14.10
C VAL A 251 -10.04 -11.31 -13.14
N ARG A 252 -9.09 -11.45 -12.19
CA ARG A 252 -8.98 -12.60 -11.28
C ARG A 252 -10.00 -12.57 -10.17
N ALA A 253 -10.33 -11.37 -9.70
CA ALA A 253 -11.21 -11.23 -8.53
C ALA A 253 -11.61 -9.82 -8.35
N ALA A 254 -12.64 -9.63 -7.54
CA ALA A 254 -13.13 -8.31 -7.25
C ALA A 254 -13.77 -8.25 -5.86
N GLY A 255 -14.01 -7.04 -5.39
CA GLY A 255 -14.61 -6.84 -4.11
C GLY A 255 -15.39 -5.54 -4.19
N LEU A 256 -16.70 -5.65 -4.17
CA LEU A 256 -17.52 -4.49 -4.16
C LEU A 256 -18.08 -4.29 -2.78
N ASP A 257 -18.03 -3.04 -2.31
CA ASP A 257 -18.76 -2.70 -1.12
C ASP A 257 -20.03 -1.92 -1.44
N VAL A 258 -20.16 -1.48 -2.69
CA VAL A 258 -21.21 -0.52 -3.06
C VAL A 258 -21.79 -0.84 -4.43
N PHE A 259 -23.05 -0.44 -4.63
CA PHE A 259 -23.82 -0.90 -5.79
C PHE A 259 -24.60 0.17 -6.54
N ALA A 260 -24.48 0.11 -7.87
CA ALA A 260 -25.07 1.11 -8.74
C ALA A 260 -26.41 1.50 -8.18
N THR A 261 -27.16 0.50 -7.72
CA THR A 261 -28.42 0.81 -7.06
C THR A 261 -28.61 -0.09 -5.84
N GLU A 262 -28.54 0.50 -4.65
CA GLU A 262 -28.74 -0.22 -3.38
C GLU A 262 -30.02 0.29 -2.77
N PRO A 263 -30.79 -0.55 -2.07
CA PRO A 263 -30.57 -1.96 -1.72
C PRO A 263 -30.38 -2.86 -2.94
N CYS A 264 -29.41 -3.76 -2.83
CA CYS A 264 -29.03 -4.65 -3.94
C CYS A 264 -28.99 -6.09 -3.51
N THR A 265 -29.81 -6.88 -4.18
CA THR A 265 -30.20 -8.21 -3.77
C THR A 265 -30.01 -9.15 -4.93
N ASP A 266 -30.18 -8.62 -6.14
CA ASP A 266 -30.30 -9.46 -7.32
C ASP A 266 -29.17 -9.39 -8.38
N SER A 267 -28.08 -8.67 -8.11
CA SER A 267 -26.98 -8.61 -9.09
C SER A 267 -26.50 -10.00 -9.51
N PRO A 268 -26.06 -10.16 -10.77
CA PRO A 268 -25.41 -11.40 -11.25
C PRO A 268 -24.00 -11.54 -10.67
N LEU A 269 -23.47 -10.43 -10.16
CA LEU A 269 -22.24 -10.46 -9.38
C LEU A 269 -22.34 -11.39 -8.16
N PHE A 270 -23.54 -11.59 -7.63
CA PHE A 270 -23.68 -12.47 -6.45
C PHE A 270 -23.56 -13.96 -6.80
N GLU A 271 -23.61 -14.25 -8.11
CA GLU A 271 -23.46 -15.60 -8.67
C GLU A 271 -22.00 -15.98 -8.98
N LEU A 272 -21.16 -14.97 -9.12
CA LEU A 272 -19.76 -15.22 -9.38
C LEU A 272 -19.06 -15.41 -8.05
N ALA A 273 -18.10 -16.32 -8.00
CA ALA A 273 -17.43 -16.60 -6.74
C ALA A 273 -16.30 -15.61 -6.54
N GLN A 274 -15.52 -15.42 -7.59
CA GLN A 274 -14.31 -14.68 -7.45
C GLN A 274 -14.51 -13.19 -7.11
N VAL A 275 -15.74 -12.84 -6.76
CA VAL A 275 -16.06 -11.45 -6.48
C VAL A 275 -16.57 -11.33 -5.07
N VAL A 276 -15.83 -10.64 -4.21
CA VAL A 276 -16.29 -10.51 -2.82
C VAL A 276 -17.20 -9.33 -2.71
N VAL A 277 -18.32 -9.49 -2.02
CA VAL A 277 -19.29 -8.40 -1.91
C VAL A 277 -19.79 -8.23 -0.47
N THR A 278 -20.09 -6.99 -0.09
CA THR A 278 -20.62 -6.68 1.25
C THR A 278 -21.62 -5.50 1.20
N PRO A 279 -22.66 -5.55 2.02
CA PRO A 279 -23.68 -4.53 1.87
C PRO A 279 -23.27 -3.14 2.38
N HIS A 280 -22.39 -2.45 1.67
CA HIS A 280 -22.04 -1.09 2.06
C HIS A 280 -21.66 -1.04 3.54
N LEU A 281 -20.49 -1.59 3.85
CA LEU A 281 -20.05 -1.71 5.23
C LEU A 281 -18.93 -0.75 5.57
N GLY A 282 -18.32 -0.17 4.54
CA GLY A 282 -17.16 0.69 4.70
C GLY A 282 -17.14 1.50 5.96
N ALA A 283 -18.30 2.04 6.34
CA ALA A 283 -18.38 2.87 7.53
C ALA A 283 -19.13 2.24 8.73
N SER A 284 -19.52 0.98 8.63
CA SER A 284 -20.16 0.32 9.74
C SER A 284 -19.14 -0.11 10.80
N THR A 285 -18.82 0.79 11.71
CA THR A 285 -17.75 0.56 12.64
C THR A 285 -18.15 1.39 13.85
N ALA A 286 -18.09 0.84 15.04
CA ALA A 286 -18.52 1.68 16.17
C ALA A 286 -17.58 2.89 16.23
N GLU A 287 -16.32 2.69 15.84
CA GLU A 287 -15.36 3.79 15.91
C GLU A 287 -15.77 4.91 14.95
N ALA A 288 -16.19 4.56 13.74
CA ALA A 288 -16.63 5.51 12.72
C ALA A 288 -17.92 6.22 13.06
N GLN A 289 -18.79 5.61 13.87
CA GLN A 289 -20.03 6.28 14.21
C GLN A 289 -19.76 7.18 15.37
N ASP A 290 -18.91 6.77 16.29
CA ASP A 290 -18.65 7.65 17.38
C ASP A 290 -17.92 8.86 16.84
N ARG A 291 -17.01 8.65 15.91
CA ARG A 291 -16.29 9.77 15.38
C ARG A 291 -17.25 10.76 14.73
N ALA A 292 -18.15 10.25 13.92
CA ALA A 292 -19.16 11.10 13.31
C ALA A 292 -19.80 11.97 14.36
N GLY A 293 -20.13 11.38 15.51
CA GLY A 293 -20.89 12.08 16.56
C GLY A 293 -19.97 13.12 17.20
N THR A 294 -18.87 12.68 17.77
CA THR A 294 -17.99 13.63 18.40
C THR A 294 -17.64 14.79 17.45
N ASP A 295 -17.38 14.50 16.18
CA ASP A 295 -17.08 15.58 15.26
C ASP A 295 -18.27 16.53 15.20
N VAL A 296 -19.40 15.99 14.81
CA VAL A 296 -20.59 16.80 14.66
C VAL A 296 -20.95 17.61 15.91
N ALA A 297 -20.64 17.07 17.08
CA ALA A 297 -20.82 17.82 18.35
C ALA A 297 -19.99 19.08 18.38
N GLU A 298 -18.70 18.91 18.11
CA GLU A 298 -17.76 20.00 18.08
C GLU A 298 -18.22 21.11 17.12
N SER A 299 -18.69 20.74 15.93
CA SER A 299 -19.18 21.74 14.94
C SER A 299 -20.36 22.52 15.49
N VAL A 300 -21.28 21.81 16.15
CA VAL A 300 -22.44 22.42 16.77
C VAL A 300 -21.96 23.36 17.85
N ARG A 301 -20.92 22.97 18.57
CA ARG A 301 -20.44 23.85 19.62
C ARG A 301 -19.94 25.17 18.97
N LEU A 302 -18.88 25.12 18.18
CA LEU A 302 -18.45 26.26 17.39
C LEU A 302 -19.62 27.07 16.84
N ALA A 303 -20.56 26.40 16.18
CA ALA A 303 -21.72 27.08 15.58
C ALA A 303 -22.61 27.87 16.56
N LEU A 304 -22.72 27.38 17.78
CA LEU A 304 -23.51 28.04 18.81
C LEU A 304 -22.72 29.11 19.59
N ALA A 305 -21.40 29.04 19.53
CA ALA A 305 -20.54 30.07 20.10
C ALA A 305 -20.39 31.19 19.08
N GLY A 306 -21.05 31.03 17.93
CA GLY A 306 -20.82 31.90 16.80
C GLY A 306 -19.37 31.88 16.31
N GLU A 307 -18.68 30.76 16.45
CA GLU A 307 -17.33 30.63 15.90
C GLU A 307 -17.41 30.10 14.48
N PHE A 308 -16.30 30.17 13.76
CA PHE A 308 -16.25 29.63 12.40
C PHE A 308 -16.63 28.16 12.41
N VAL A 309 -17.28 27.68 11.35
CA VAL A 309 -17.63 26.24 11.25
C VAL A 309 -17.14 25.60 9.96
N PRO A 310 -15.90 25.10 10.00
CA PRO A 310 -15.20 24.63 8.84
C PRO A 310 -15.81 23.40 8.21
N ASP A 311 -16.62 22.68 8.97
CA ASP A 311 -17.18 21.48 8.40
C ASP A 311 -18.46 21.84 7.70
N ALA A 312 -18.86 23.10 7.87
CA ALA A 312 -20.02 23.69 7.24
C ALA A 312 -20.23 23.19 5.82
N VAL A 313 -21.46 22.92 5.42
CA VAL A 313 -21.69 22.46 4.06
C VAL A 313 -22.15 23.60 3.21
N ASN A 314 -22.81 24.57 3.83
CA ASN A 314 -23.36 25.72 3.10
C ASN A 314 -23.21 27.06 3.81
N VAL A 315 -24.04 28.01 3.43
CA VAL A 315 -24.00 29.33 4.03
C VAL A 315 -25.31 29.61 4.74
N GLY A 316 -25.25 30.33 5.84
CA GLY A 316 -26.49 30.57 6.58
C GLY A 316 -26.23 31.31 7.85
N GLY A 317 -27.17 32.15 8.24
CA GLY A 317 -26.89 33.08 9.32
C GLY A 317 -26.08 34.22 8.72
N GLY A 318 -25.87 35.27 9.49
CA GLY A 318 -25.15 36.44 8.99
C GLY A 318 -23.73 36.15 8.51
N VAL A 319 -23.38 34.87 8.32
CA VAL A 319 -22.05 34.51 7.83
C VAL A 319 -21.77 35.13 6.45
N VAL A 320 -22.76 35.85 5.92
CA VAL A 320 -22.61 36.47 4.60
C VAL A 320 -23.52 37.68 4.37
N ASN A 321 -22.90 38.82 4.07
CA ASN A 321 -23.59 40.04 3.69
C ASN A 321 -24.50 39.86 2.46
N GLU A 322 -25.69 40.48 2.47
CA GLU A 322 -26.56 40.46 1.29
C GLU A 322 -25.86 40.94 0.00
N GLU A 323 -24.93 41.89 0.15
CA GLU A 323 -24.28 42.52 -0.99
C GLU A 323 -23.23 41.58 -1.56
N VAL A 324 -22.60 40.85 -0.66
CA VAL A 324 -21.61 39.87 -1.06
C VAL A 324 -22.30 38.56 -1.50
N ALA A 325 -23.50 38.28 -1.00
CA ALA A 325 -24.20 36.99 -1.30
C ALA A 325 -24.28 36.55 -2.77
N PRO A 326 -24.77 37.42 -3.64
CA PRO A 326 -24.97 36.99 -5.02
C PRO A 326 -23.66 36.68 -5.75
N TRP A 327 -22.53 37.05 -5.18
CA TRP A 327 -21.26 36.84 -5.84
C TRP A 327 -20.72 35.41 -5.61
N LEU A 328 -21.32 34.69 -4.67
CA LEU A 328 -20.84 33.36 -4.34
C LEU A 328 -20.98 32.51 -5.61
N ASP A 329 -22.19 32.38 -6.10
CA ASP A 329 -22.35 31.53 -7.26
C ASP A 329 -21.42 31.94 -8.39
N LEU A 330 -21.28 33.23 -8.65
CA LEU A 330 -20.58 33.62 -9.86
C LEU A 330 -19.14 33.27 -9.68
N VAL A 331 -18.60 33.60 -8.51
CA VAL A 331 -17.21 33.30 -8.35
C VAL A 331 -17.01 31.80 -8.46
N ARG A 332 -17.96 31.02 -7.96
CA ARG A 332 -17.84 29.58 -8.15
C ARG A 332 -17.62 29.28 -9.62
N LYS A 333 -18.45 29.88 -10.46
CA LYS A 333 -18.34 29.72 -11.92
C LYS A 333 -16.98 30.11 -12.53
N LEU A 334 -16.41 31.23 -12.10
CA LEU A 334 -15.06 31.58 -12.54
C LEU A 334 -14.10 30.44 -12.16
N GLY A 335 -14.28 29.91 -10.98
CA GLY A 335 -13.40 28.88 -10.48
C GLY A 335 -13.34 27.76 -11.46
N VAL A 336 -14.51 27.20 -11.76
CA VAL A 336 -14.64 26.16 -12.79
C VAL A 336 -13.86 26.51 -14.02
N LEU A 337 -14.26 27.63 -14.61
CA LEU A 337 -13.79 28.09 -15.88
C LEU A 337 -12.30 28.16 -15.83
N ALA A 338 -11.78 28.68 -14.73
CA ALA A 338 -10.36 28.87 -14.66
C ALA A 338 -9.75 27.48 -14.63
N GLY A 339 -10.43 26.56 -13.97
CA GLY A 339 -10.00 25.17 -14.00
C GLY A 339 -9.95 24.62 -15.43
N VAL A 340 -11.02 24.86 -16.17
CA VAL A 340 -11.15 24.26 -17.45
C VAL A 340 -10.11 24.85 -18.35
N LEU A 341 -9.96 26.18 -18.36
CA LEU A 341 -9.01 26.82 -19.27
C LEU A 341 -7.54 26.59 -18.92
N SER A 342 -7.26 25.86 -17.85
CA SER A 342 -5.88 25.64 -17.46
C SER A 342 -5.35 24.37 -18.08
N ASP A 343 -4.07 24.34 -18.44
CA ASP A 343 -3.50 23.14 -19.05
C ASP A 343 -3.54 21.96 -18.10
N GLU A 344 -3.13 22.23 -16.87
CA GLU A 344 -3.14 21.23 -15.83
C GLU A 344 -3.89 21.82 -14.65
N LEU A 345 -3.78 21.18 -13.50
CA LEU A 345 -4.38 21.66 -12.27
C LEU A 345 -3.54 22.79 -11.65
N PRO A 346 -4.13 23.98 -11.45
CA PRO A 346 -3.40 25.11 -10.85
C PRO A 346 -2.85 24.77 -9.50
N VAL A 347 -1.68 25.29 -9.20
CA VAL A 347 -1.16 25.09 -7.88
C VAL A 347 -1.79 26.05 -6.89
N SER A 348 -2.43 27.08 -7.39
CA SER A 348 -3.08 27.99 -6.49
C SER A 348 -4.05 28.88 -7.23
N LEU A 349 -5.13 29.31 -6.55
CA LEU A 349 -6.05 30.34 -7.05
C LEU A 349 -5.79 31.70 -6.39
N SER A 350 -5.73 32.76 -7.18
CA SER A 350 -5.52 34.10 -6.64
C SER A 350 -6.81 34.89 -6.89
N VAL A 351 -7.79 34.81 -5.99
CA VAL A 351 -9.02 35.57 -6.22
C VAL A 351 -8.80 37.06 -5.96
N GLN A 352 -9.03 37.87 -7.00
CA GLN A 352 -8.85 39.31 -6.87
C GLN A 352 -10.13 40.13 -6.96
N VAL A 353 -10.40 40.94 -5.95
CA VAL A 353 -11.69 41.57 -5.89
C VAL A 353 -11.55 43.05 -6.06
N ARG A 354 -12.10 43.62 -7.12
CA ARG A 354 -11.89 45.03 -7.34
C ARG A 354 -13.12 45.88 -7.43
N GLY A 355 -12.98 47.15 -7.07
CA GLY A 355 -14.04 48.11 -7.22
C GLY A 355 -14.88 48.23 -5.97
N GLU A 356 -16.18 48.44 -6.13
CA GLU A 356 -17.04 48.66 -4.96
C GLU A 356 -17.03 47.53 -3.97
N LEU A 357 -17.13 46.30 -4.46
CA LEU A 357 -17.10 45.05 -3.64
C LEU A 357 -15.94 44.94 -2.65
N ALA A 358 -14.82 45.56 -2.98
CA ALA A 358 -13.65 45.52 -2.12
C ALA A 358 -13.92 46.11 -0.73
N ALA A 359 -15.07 46.74 -0.55
CA ALA A 359 -15.41 47.27 0.73
C ALA A 359 -16.07 46.22 1.60
N GLU A 360 -16.44 45.09 1.02
CA GLU A 360 -17.13 44.06 1.75
C GLU A 360 -16.20 43.04 2.42
N GLU A 361 -16.72 42.29 3.41
CA GLU A 361 -16.04 41.00 3.77
C GLU A 361 -16.23 39.97 2.65
N VAL A 362 -15.13 39.58 2.01
CA VAL A 362 -15.23 38.78 0.78
C VAL A 362 -14.41 37.51 0.86
N GLU A 363 -14.05 37.12 2.08
CA GLU A 363 -13.26 35.90 2.29
C GLU A 363 -14.00 34.65 1.82
N VAL A 364 -15.30 34.51 2.07
CA VAL A 364 -16.06 33.44 1.40
C VAL A 364 -15.74 33.27 -0.12
N LEU A 365 -15.48 34.36 -0.84
CA LEU A 365 -15.32 34.23 -2.26
C LEU A 365 -14.09 33.37 -2.64
N ARG A 366 -13.05 33.44 -1.86
CA ARG A 366 -11.95 32.51 -1.98
C ARG A 366 -12.46 31.09 -1.84
N LEU A 367 -13.31 30.81 -0.84
CA LEU A 367 -13.86 29.45 -0.75
C LEU A 367 -14.65 29.08 -2.03
N SER A 368 -15.36 30.04 -2.58
CA SER A 368 -16.15 29.73 -3.76
C SER A 368 -15.25 29.34 -4.93
N ALA A 369 -14.26 30.16 -5.22
CA ALA A 369 -13.33 29.78 -6.28
C ALA A 369 -12.84 28.31 -6.15
N LEU A 370 -12.27 27.94 -5.00
CA LEU A 370 -11.89 26.54 -4.78
C LEU A 370 -13.09 25.62 -5.03
N ARG A 371 -14.25 25.98 -4.51
CA ARG A 371 -15.36 25.06 -4.72
C ARG A 371 -15.64 24.85 -6.21
N GLY A 372 -15.19 25.81 -7.01
CA GLY A 372 -15.47 25.82 -8.43
C GLY A 372 -14.48 24.86 -9.04
N LEU A 373 -13.21 25.25 -8.96
CA LEU A 373 -12.05 24.49 -9.41
C LEU A 373 -12.18 23.03 -9.15
N PHE A 374 -12.76 22.63 -8.02
CA PHE A 374 -12.86 21.22 -7.68
C PHE A 374 -14.24 20.67 -7.87
N SER A 375 -15.06 21.38 -8.65
CA SER A 375 -16.42 20.86 -8.87
C SER A 375 -16.43 19.37 -9.23
N ALA A 376 -15.42 18.97 -10.01
CA ALA A 376 -15.39 17.65 -10.62
C ALA A 376 -15.27 16.54 -9.59
N VAL A 377 -14.65 16.85 -8.46
CA VAL A 377 -14.59 15.86 -7.39
C VAL A 377 -15.34 16.28 -6.12
N ILE A 378 -16.36 17.11 -6.27
CA ILE A 378 -17.17 17.49 -5.14
C ILE A 378 -18.60 17.14 -5.47
N GLU A 379 -19.26 16.47 -4.51
CA GLU A 379 -20.68 16.17 -4.61
C GLU A 379 -21.54 17.41 -4.39
N ASP A 380 -22.81 17.30 -4.79
CA ASP A 380 -23.65 18.50 -5.02
C ASP A 380 -23.86 19.41 -3.82
N ALA A 381 -24.62 18.91 -2.84
CA ALA A 381 -25.10 19.74 -1.74
C ALA A 381 -23.99 20.63 -1.14
N VAL A 382 -22.77 20.12 -1.08
CA VAL A 382 -21.62 20.89 -0.59
C VAL A 382 -21.36 22.12 -1.45
N THR A 383 -21.33 23.28 -0.78
CA THR A 383 -21.18 24.63 -1.35
C THR A 383 -19.91 25.28 -0.79
N PHE A 384 -19.71 25.13 0.51
CA PHE A 384 -18.46 25.54 1.17
C PHE A 384 -17.50 24.35 1.11
N VAL A 385 -16.20 24.58 1.14
CA VAL A 385 -15.33 23.49 1.60
C VAL A 385 -14.14 23.95 2.43
N ASN A 386 -13.55 22.99 3.15
CA ASN A 386 -12.43 23.28 4.04
C ASN A 386 -11.15 23.66 3.26
N ALA A 387 -10.80 24.93 3.24
CA ALA A 387 -9.61 25.35 2.47
C ALA A 387 -8.35 24.76 3.11
N PRO A 388 -8.18 24.95 4.45
CA PRO A 388 -7.05 24.36 5.17
C PRO A 388 -6.90 22.89 4.87
N ALA A 389 -8.02 22.18 4.81
CA ALA A 389 -7.99 20.74 4.55
C ALA A 389 -7.69 20.42 3.08
N LEU A 390 -8.31 21.17 2.19
CA LEU A 390 -8.09 21.03 0.78
C LEU A 390 -6.60 21.09 0.40
N ALA A 391 -5.92 22.09 0.95
CA ALA A 391 -4.50 22.33 0.68
C ALA A 391 -3.70 21.12 1.07
N ALA A 392 -3.90 20.66 2.30
CA ALA A 392 -3.12 19.53 2.83
C ALA A 392 -3.32 18.25 2.02
N GLU A 393 -4.46 18.12 1.36
CA GLU A 393 -4.88 16.86 0.84
C GLU A 393 -4.43 16.85 -0.63
N ARG A 394 -4.72 17.91 -1.35
CA ARG A 394 -4.54 17.96 -2.76
C ARG A 394 -3.43 18.90 -3.17
N GLY A 395 -3.10 19.79 -2.25
CA GLY A 395 -1.97 20.66 -2.44
C GLY A 395 -2.22 21.91 -3.26
N VAL A 396 -3.48 22.38 -3.29
CA VAL A 396 -3.82 23.64 -3.94
C VAL A 396 -4.35 24.63 -2.92
N THR A 397 -3.94 25.89 -3.03
CA THR A 397 -4.40 26.91 -2.08
C THR A 397 -5.18 28.06 -2.76
N ALA A 398 -5.74 28.96 -1.96
CA ALA A 398 -6.41 30.13 -2.55
C ALA A 398 -6.17 31.32 -1.66
N GLU A 399 -6.05 32.51 -2.25
CA GLU A 399 -5.96 33.75 -1.47
C GLU A 399 -6.78 34.87 -2.09
N ILE A 400 -7.15 35.86 -1.30
CA ILE A 400 -7.88 37.00 -1.77
C ILE A 400 -6.95 38.23 -1.82
N CYS A 401 -7.21 39.15 -2.74
CA CYS A 401 -6.57 40.45 -2.74
C CYS A 401 -7.69 41.41 -3.09
N LYS A 402 -7.85 42.46 -2.29
CA LYS A 402 -8.81 43.51 -2.58
C LYS A 402 -8.08 44.65 -3.30
N ALA A 403 -8.81 45.48 -4.06
CA ALA A 403 -8.22 46.67 -4.72
C ALA A 403 -9.32 47.74 -4.81
N SER A 404 -9.04 48.98 -4.42
CA SER A 404 -10.08 49.98 -4.62
C SER A 404 -10.60 50.00 -6.07
N GLU A 405 -9.69 50.24 -7.02
CA GLU A 405 -10.11 50.54 -8.38
C GLU A 405 -10.46 49.37 -9.25
N SER A 406 -11.57 49.48 -9.93
CA SER A 406 -11.94 48.52 -10.93
C SER A 406 -11.94 49.28 -12.24
N PRO A 407 -11.20 48.77 -13.24
CA PRO A 407 -10.88 49.62 -14.38
C PRO A 407 -12.10 50.00 -15.19
N ASN A 408 -13.00 49.05 -15.34
CA ASN A 408 -14.13 49.25 -16.22
C ASN A 408 -15.42 49.14 -15.46
N HIS A 409 -15.77 47.96 -14.99
CA HIS A 409 -17.02 47.82 -14.21
C HIS A 409 -16.78 48.35 -12.85
N ARG A 410 -17.86 48.60 -12.13
CA ARG A 410 -17.77 49.18 -10.79
C ARG A 410 -17.22 48.17 -9.80
N SER A 411 -17.61 46.91 -9.95
CA SER A 411 -17.09 45.79 -9.18
C SER A 411 -16.80 44.64 -10.17
N VAL A 412 -15.67 43.97 -10.02
CA VAL A 412 -15.32 42.87 -10.86
C VAL A 412 -14.48 42.01 -9.97
N VAL A 413 -14.62 40.71 -10.12
CA VAL A 413 -13.78 39.72 -9.48
C VAL A 413 -12.93 38.98 -10.54
N ASP A 414 -11.64 38.87 -10.29
CA ASP A 414 -10.73 38.22 -11.25
C ASP A 414 -10.17 37.03 -10.54
N VAL A 415 -10.17 35.86 -11.19
CA VAL A 415 -9.62 34.65 -10.60
C VAL A 415 -8.37 34.31 -11.38
N ARG A 416 -7.19 34.35 -10.74
CA ARG A 416 -5.95 34.01 -11.46
C ARG A 416 -5.51 32.61 -11.11
N ALA A 417 -5.71 31.60 -11.95
CA ALA A 417 -5.20 30.27 -11.62
C ALA A 417 -3.71 30.26 -11.89
N VAL A 418 -2.91 30.04 -10.86
CA VAL A 418 -1.49 29.96 -11.18
C VAL A 418 -0.91 28.54 -11.30
N GLY A 419 -0.19 28.35 -12.41
CA GLY A 419 0.36 27.07 -12.72
C GLY A 419 1.64 26.87 -11.97
N ALA A 420 1.93 25.62 -11.66
CA ALA A 420 3.17 25.29 -11.00
C ALA A 420 4.35 25.96 -11.73
N ASP A 421 4.25 26.09 -13.06
CA ASP A 421 5.40 26.56 -13.85
C ASP A 421 5.48 28.06 -13.96
N GLY A 422 4.53 28.76 -13.34
CA GLY A 422 4.58 30.20 -13.32
C GLY A 422 3.61 30.83 -14.28
N SER A 423 3.02 30.03 -15.16
CA SER A 423 2.00 30.59 -16.07
C SER A 423 0.70 30.91 -15.29
N VAL A 424 -0.17 31.75 -15.86
CA VAL A 424 -1.42 32.20 -15.23
C VAL A 424 -2.59 32.12 -16.22
N VAL A 425 -3.72 31.58 -15.81
CA VAL A 425 -4.94 31.80 -16.54
C VAL A 425 -5.74 32.79 -15.68
N THR A 426 -6.41 33.76 -16.32
CA THR A 426 -7.30 34.68 -15.61
C THR A 426 -8.73 34.68 -16.18
N VAL A 427 -9.73 34.61 -15.31
CA VAL A 427 -11.13 34.67 -15.73
C VAL A 427 -11.84 35.62 -14.81
N SER A 428 -12.61 36.54 -15.37
CA SER A 428 -13.25 37.56 -14.60
C SER A 428 -14.75 37.53 -14.79
N GLY A 429 -15.50 37.83 -13.72
CA GLY A 429 -16.91 38.07 -13.91
C GLY A 429 -17.34 39.34 -13.17
N THR A 430 -18.57 39.80 -13.44
CA THR A 430 -19.32 40.73 -12.57
C THR A 430 -20.79 40.38 -12.51
N LEU A 431 -21.48 41.15 -11.68
CA LEU A 431 -22.91 41.15 -11.64
C LEU A 431 -23.30 42.55 -11.89
N TYR A 432 -24.37 42.75 -12.65
CA TYR A 432 -24.98 44.08 -12.70
C TYR A 432 -26.44 44.05 -13.12
N GLY A 433 -27.14 45.10 -12.72
CA GLY A 433 -28.48 45.29 -13.17
C GLY A 433 -29.47 44.89 -12.11
N PRO A 434 -30.73 45.23 -12.35
CA PRO A 434 -31.74 44.99 -11.35
C PRO A 434 -31.83 43.51 -11.03
N GLN A 435 -31.37 42.66 -11.94
CA GLN A 435 -31.44 41.22 -11.69
C GLN A 435 -30.12 40.67 -11.16
N LEU A 436 -29.06 41.49 -11.27
CA LEU A 436 -27.72 41.05 -10.89
C LEU A 436 -27.47 39.70 -11.56
N SER A 437 -27.42 39.70 -12.87
CA SER A 437 -27.04 38.54 -13.65
C SER A 437 -25.55 38.38 -13.78
N GLN A 438 -25.14 37.14 -13.91
CA GLN A 438 -23.76 36.80 -13.83
C GLN A 438 -23.17 36.91 -15.18
N LYS A 439 -22.13 37.71 -15.31
CA LYS A 439 -21.51 37.79 -16.63
C LYS A 439 -20.03 37.60 -16.55
N ILE A 440 -19.55 36.75 -17.44
CA ILE A 440 -18.12 36.57 -17.57
C ILE A 440 -17.68 37.71 -18.42
N VAL A 441 -16.69 38.49 -17.99
CA VAL A 441 -16.35 39.72 -18.70
C VAL A 441 -14.90 39.79 -19.11
N GLN A 442 -14.13 38.76 -18.79
CA GLN A 442 -12.77 38.72 -19.28
C GLN A 442 -12.18 37.33 -19.19
N ILE A 443 -11.49 36.91 -20.25
CA ILE A 443 -10.71 35.72 -20.18
C ILE A 443 -9.35 36.02 -20.77
N ASN A 444 -8.33 36.08 -19.93
CA ASN A 444 -6.96 36.22 -20.42
C ASN A 444 -6.80 37.41 -21.30
N GLY A 445 -7.04 38.60 -20.77
CA GLY A 445 -6.88 39.83 -21.55
C GLY A 445 -8.06 40.14 -22.45
N ARG A 446 -8.91 39.16 -22.78
CA ARG A 446 -10.09 39.45 -23.65
C ARG A 446 -11.36 39.86 -22.89
N HIS A 447 -11.77 41.09 -23.16
CA HIS A 447 -12.92 41.61 -22.53
C HIS A 447 -14.16 41.30 -23.32
N PHE A 448 -15.24 40.96 -22.60
CA PHE A 448 -16.56 40.93 -23.25
C PHE A 448 -17.66 40.86 -22.24
N ASP A 449 -18.84 40.41 -22.68
CA ASP A 449 -20.00 40.31 -21.81
C ASP A 449 -20.90 39.12 -22.19
N LEU A 450 -20.69 37.96 -21.54
CA LEU A 450 -21.53 36.75 -21.70
C LEU A 450 -22.22 36.26 -20.41
N ARG A 451 -23.54 36.09 -20.47
CA ARG A 451 -24.28 35.40 -19.40
C ARG A 451 -23.51 34.16 -19.00
N ALA A 452 -23.22 34.02 -17.71
CA ALA A 452 -22.52 32.87 -17.17
C ALA A 452 -23.55 31.84 -16.77
N GLN A 453 -24.07 31.13 -17.76
CA GLN A 453 -25.11 30.17 -17.51
C GLN A 453 -24.99 29.09 -18.63
N GLY A 454 -25.77 28.01 -18.53
CA GLY A 454 -25.89 27.05 -19.60
C GLY A 454 -24.63 26.28 -19.98
N ILE A 455 -24.75 25.57 -21.10
CA ILE A 455 -23.67 24.80 -21.68
C ILE A 455 -22.81 25.72 -22.57
N ASN A 456 -21.60 26.00 -22.14
CA ASN A 456 -20.70 26.84 -22.91
C ASN A 456 -19.57 26.06 -23.56
N LEU A 457 -19.48 26.16 -24.88
CA LEU A 457 -18.33 25.61 -25.60
C LEU A 457 -17.21 26.67 -25.78
N ILE A 458 -15.97 26.28 -25.47
CA ILE A 458 -14.84 27.19 -25.67
C ILE A 458 -13.84 26.60 -26.61
N ILE A 459 -13.47 27.31 -27.66
CA ILE A 459 -12.46 26.76 -28.58
C ILE A 459 -11.26 27.67 -28.75
N HIS A 460 -10.08 27.10 -28.73
CA HIS A 460 -8.93 27.87 -29.06
C HIS A 460 -8.25 27.29 -30.32
N TYR A 461 -8.63 27.79 -31.50
CA TYR A 461 -8.23 27.19 -32.79
C TYR A 461 -7.27 28.09 -33.61
N VAL A 462 -6.98 27.72 -34.86
CA VAL A 462 -6.16 28.57 -35.76
C VAL A 462 -6.93 29.64 -36.60
N ASP A 463 -6.59 30.92 -36.38
CA ASP A 463 -7.30 32.06 -37.02
C ASP A 463 -7.09 32.19 -38.54
N ARG A 464 -7.96 31.52 -39.29
CA ARG A 464 -8.05 31.68 -40.72
C ARG A 464 -9.47 32.12 -40.98
N PRO A 465 -9.70 32.89 -42.07
CA PRO A 465 -11.02 33.23 -42.64
C PRO A 465 -11.96 32.01 -42.65
N GLY A 466 -13.26 32.26 -42.47
CA GLY A 466 -14.26 31.18 -42.37
C GLY A 466 -14.11 30.08 -41.33
N ALA A 467 -13.40 30.34 -40.23
CA ALA A 467 -13.26 29.35 -39.17
C ALA A 467 -14.53 29.41 -38.32
N LEU A 468 -14.98 30.62 -38.11
CA LEU A 468 -16.28 30.90 -37.54
C LEU A 468 -17.33 30.21 -38.43
N GLY A 469 -17.24 30.41 -39.73
CA GLY A 469 -18.14 29.63 -40.57
C GLY A 469 -18.15 28.13 -40.24
N LYS A 470 -16.97 27.53 -40.15
CA LYS A 470 -16.86 26.09 -40.09
C LYS A 470 -17.47 25.67 -38.81
N ILE A 471 -17.21 26.46 -37.79
CA ILE A 471 -17.66 26.10 -36.49
C ILE A 471 -19.18 26.21 -36.46
N GLY A 472 -19.71 27.29 -37.00
CA GLY A 472 -21.13 27.55 -36.87
C GLY A 472 -21.96 26.51 -37.61
N THR A 473 -21.51 26.27 -38.84
CA THR A 473 -22.12 25.35 -39.80
C THR A 473 -22.09 23.90 -39.33
N LEU A 474 -21.02 23.53 -38.59
CA LEU A 474 -20.93 22.17 -38.07
C LEU A 474 -21.96 21.93 -36.98
N LEU A 475 -21.93 22.80 -35.97
CA LEU A 475 -23.00 22.97 -34.99
C LEU A 475 -24.45 23.00 -35.52
N GLY A 476 -24.68 23.68 -36.65
CA GLY A 476 -26.01 23.81 -37.20
C GLY A 476 -26.46 22.45 -37.66
N THR A 477 -25.51 21.71 -38.25
CA THR A 477 -25.74 20.35 -38.70
C THR A 477 -26.01 19.39 -37.52
N ALA A 478 -25.30 19.60 -36.40
CA ALA A 478 -25.61 18.79 -35.18
C ALA A 478 -26.99 19.12 -34.58
N GLY A 479 -27.69 20.08 -35.19
CA GLY A 479 -28.98 20.55 -34.69
C GLY A 479 -28.90 21.23 -33.33
N VAL A 480 -27.82 21.96 -33.08
CA VAL A 480 -27.62 22.61 -31.79
C VAL A 480 -27.68 24.14 -31.96
N ASN A 481 -28.58 24.79 -31.23
CA ASN A 481 -28.69 26.28 -31.30
C ASN A 481 -27.64 27.09 -30.43
N ILE A 482 -27.22 28.25 -30.93
CA ILE A 482 -26.22 29.06 -30.24
C ILE A 482 -26.89 30.23 -29.62
N GLN A 483 -26.69 30.43 -28.32
CA GLN A 483 -27.51 31.45 -27.68
C GLN A 483 -26.76 32.78 -27.67
N ALA A 484 -25.42 32.67 -27.63
CA ALA A 484 -24.52 33.82 -27.53
C ALA A 484 -23.15 33.35 -27.95
N ALA A 485 -22.35 34.24 -28.52
CA ALA A 485 -21.02 33.83 -28.93
C ALA A 485 -20.03 34.97 -28.74
N GLN A 486 -18.74 34.66 -28.65
CA GLN A 486 -17.73 35.69 -28.53
C GLN A 486 -16.35 35.21 -29.00
N LEU A 487 -15.70 36.01 -29.82
CA LEU A 487 -14.38 35.62 -30.22
C LEU A 487 -13.46 36.81 -30.34
N SER A 488 -12.15 36.61 -30.23
CA SER A 488 -11.27 37.63 -30.72
C SER A 488 -9.88 37.12 -31.00
N GLU A 489 -8.96 38.08 -31.10
CA GLU A 489 -7.51 37.89 -30.99
C GLU A 489 -7.01 36.78 -30.08
N ASP A 490 -5.83 36.28 -30.42
CA ASP A 490 -4.96 35.73 -29.42
C ASP A 490 -3.92 36.81 -29.14
N ALA A 491 -3.54 36.95 -27.87
CA ALA A 491 -2.48 37.86 -27.50
C ALA A 491 -1.87 38.32 -28.81
N GLU A 492 -1.03 37.45 -29.38
CA GLU A 492 -0.45 37.62 -30.70
C GLU A 492 -0.22 36.21 -31.27
N GLY A 493 0.18 36.12 -32.54
CA GLY A 493 0.50 34.84 -33.17
C GLY A 493 -0.65 34.23 -33.97
N PRO A 494 -0.60 32.91 -34.17
CA PRO A 494 -1.72 32.19 -34.74
C PRO A 494 -2.64 31.77 -33.59
N GLY A 495 -3.89 31.46 -33.91
CA GLY A 495 -4.84 31.11 -32.86
C GLY A 495 -5.81 32.23 -32.58
N ALA A 496 -7.06 31.86 -32.32
CA ALA A 496 -8.11 32.79 -31.88
C ALA A 496 -9.04 32.04 -30.94
N THR A 497 -10.00 32.72 -30.32
CA THR A 497 -10.68 32.14 -29.17
C THR A 497 -12.12 32.49 -29.23
N ILE A 498 -12.96 31.48 -29.15
CA ILE A 498 -14.39 31.60 -29.36
C ILE A 498 -15.06 31.04 -28.10
N LEU A 499 -16.26 31.50 -27.79
CA LEU A 499 -16.97 30.98 -26.61
C LEU A 499 -18.45 30.97 -26.91
N LEU A 500 -19.17 29.86 -26.78
CA LEU A 500 -20.58 29.90 -27.21
C LEU A 500 -21.54 29.36 -26.18
N ARG A 501 -22.63 30.07 -25.94
CA ARG A 501 -23.70 29.46 -25.17
C ARG A 501 -24.62 28.62 -26.07
N LEU A 502 -24.74 27.34 -25.72
CA LEU A 502 -25.56 26.46 -26.54
C LEU A 502 -26.76 25.94 -25.74
N ASP A 503 -27.76 25.37 -26.42
CA ASP A 503 -28.96 24.87 -25.75
C ASP A 503 -28.86 23.37 -25.36
N GLN A 504 -27.71 22.76 -25.67
CA GLN A 504 -27.47 21.36 -25.30
C GLN A 504 -25.99 20.97 -25.52
N ASP A 505 -25.64 19.76 -25.09
CA ASP A 505 -24.28 19.27 -25.27
C ASP A 505 -23.85 19.08 -26.75
N VAL A 506 -22.54 19.21 -27.02
CA VAL A 506 -22.01 18.89 -28.34
C VAL A 506 -21.58 17.43 -28.27
N PRO A 507 -22.22 16.56 -29.08
CA PRO A 507 -21.83 15.16 -28.96
C PRO A 507 -20.39 14.95 -29.47
N ASP A 508 -19.78 13.85 -29.04
CA ASP A 508 -18.33 13.58 -29.14
C ASP A 508 -17.71 13.67 -30.55
N ASP A 509 -18.24 12.88 -31.48
CA ASP A 509 -17.85 12.96 -32.91
C ASP A 509 -17.92 14.39 -33.46
N VAL A 510 -18.95 15.14 -33.03
CA VAL A 510 -19.11 16.52 -33.48
C VAL A 510 -18.06 17.40 -32.83
N ARG A 511 -18.00 17.30 -31.52
CA ARG A 511 -16.96 17.99 -30.83
C ARG A 511 -15.65 17.73 -31.60
N THR A 512 -15.38 16.47 -31.95
CA THR A 512 -14.11 16.15 -32.64
C THR A 512 -13.96 16.81 -33.99
N ALA A 513 -14.99 16.62 -34.83
CA ALA A 513 -15.07 17.23 -36.16
C ALA A 513 -14.68 18.71 -36.10
N ILE A 514 -15.19 19.44 -35.10
CA ILE A 514 -14.87 20.87 -34.98
C ILE A 514 -13.37 21.08 -34.81
N ALA A 515 -12.72 20.21 -34.01
CA ALA A 515 -11.33 20.42 -33.65
C ALA A 515 -10.53 20.33 -34.94
N ALA A 516 -10.81 19.27 -35.69
CA ALA A 516 -10.28 19.04 -37.05
C ALA A 516 -10.55 20.18 -38.06
N ALA A 517 -11.75 20.76 -38.05
CA ALA A 517 -12.14 21.78 -39.05
C ALA A 517 -11.51 23.16 -38.85
N VAL A 518 -11.33 23.55 -37.58
CA VAL A 518 -10.58 24.77 -37.24
C VAL A 518 -9.19 24.40 -36.77
N ASP A 519 -8.88 23.11 -36.76
CA ASP A 519 -7.61 22.64 -36.23
C ASP A 519 -7.39 23.16 -34.84
N ALA A 520 -8.35 22.87 -33.96
CA ALA A 520 -8.25 23.29 -32.56
C ALA A 520 -6.94 22.88 -31.89
N TYR A 521 -6.49 23.76 -31.01
CA TYR A 521 -5.44 23.45 -30.07
C TYR A 521 -6.09 22.79 -28.85
N LYS A 522 -7.17 23.42 -28.38
CA LYS A 522 -7.93 22.95 -27.22
C LYS A 522 -9.40 23.19 -27.49
N LEU A 523 -10.24 22.36 -26.91
CA LEU A 523 -11.69 22.43 -27.12
C LEU A 523 -12.37 21.92 -25.86
N GLU A 524 -13.08 22.79 -25.16
CA GLU A 524 -13.76 22.30 -24.00
C GLU A 524 -15.21 22.66 -23.94
N VAL A 525 -15.92 21.94 -23.11
CA VAL A 525 -17.33 22.18 -22.97
C VAL A 525 -17.62 22.23 -21.51
N VAL A 526 -18.25 23.32 -21.05
CA VAL A 526 -18.50 23.43 -19.62
C VAL A 526 -19.93 23.86 -19.28
N ASP A 527 -20.55 23.14 -18.34
CA ASP A 527 -21.87 23.48 -17.88
C ASP A 527 -21.77 24.59 -16.82
N LEU A 528 -22.30 25.77 -17.10
CA LEU A 528 -22.19 26.81 -16.08
C LEU A 528 -23.42 26.92 -15.18
N SER A 529 -23.99 25.77 -14.83
CA SER A 529 -25.13 25.71 -13.89
C SER A 529 -25.00 24.48 -12.99
N LEU B 4 23.71 -38.65 -16.40
CA LEU B 4 23.09 -37.47 -15.71
C LEU B 4 22.37 -37.83 -14.42
N PRO B 5 22.41 -36.95 -13.41
CA PRO B 5 21.73 -37.24 -12.15
C PRO B 5 20.23 -37.03 -12.28
N VAL B 6 19.46 -38.01 -11.78
CA VAL B 6 18.02 -38.09 -12.01
C VAL B 6 17.23 -37.50 -10.88
N VAL B 7 16.66 -36.31 -11.12
CA VAL B 7 15.84 -35.59 -10.16
C VAL B 7 14.35 -35.91 -10.35
N LEU B 8 13.78 -36.64 -9.41
CA LEU B 8 12.41 -37.09 -9.54
C LEU B 8 11.40 -36.15 -8.82
N ILE B 9 10.59 -35.42 -9.58
CA ILE B 9 9.52 -34.61 -8.99
C ILE B 9 8.24 -35.42 -8.76
N ALA B 10 7.77 -35.52 -7.52
CA ALA B 10 6.67 -36.44 -7.25
C ALA B 10 5.31 -35.77 -7.04
N ASP B 11 5.30 -34.45 -6.88
CA ASP B 11 4.04 -33.70 -6.74
C ASP B 11 3.92 -32.58 -7.78
N LYS B 12 2.75 -31.93 -7.83
CA LYS B 12 2.57 -30.76 -8.70
C LYS B 12 3.36 -29.54 -8.17
N LEU B 13 4.52 -29.28 -8.77
CA LEU B 13 5.34 -28.14 -8.39
C LEU B 13 5.20 -26.98 -9.35
N ALA B 14 5.95 -25.92 -9.08
CA ALA B 14 5.85 -24.71 -9.84
C ALA B 14 6.73 -24.81 -11.07
N PRO B 15 6.22 -24.33 -12.22
CA PRO B 15 6.98 -24.45 -13.47
C PRO B 15 8.38 -23.82 -13.38
N SER B 16 8.65 -23.00 -12.35
CA SER B 16 9.97 -22.37 -12.23
C SER B 16 11.04 -23.38 -11.73
N THR B 17 10.57 -24.34 -10.93
CA THR B 17 11.40 -25.38 -10.41
C THR B 17 12.15 -25.99 -11.57
N VAL B 18 11.40 -26.47 -12.54
CA VAL B 18 12.03 -27.30 -13.50
C VAL B 18 12.98 -26.42 -14.32
N ALA B 19 12.55 -25.23 -14.70
CA ALA B 19 13.51 -24.33 -15.39
C ALA B 19 14.74 -24.09 -14.51
N ALA B 20 14.56 -23.98 -13.21
CA ALA B 20 15.70 -23.73 -12.36
C ALA B 20 16.56 -24.98 -12.24
N LEU B 21 15.95 -26.15 -12.31
CA LEU B 21 16.72 -27.39 -12.25
C LEU B 21 17.71 -27.50 -13.42
N GLY B 22 17.22 -27.32 -14.65
CA GLY B 22 18.10 -27.05 -15.77
C GLY B 22 18.76 -28.18 -16.53
N ASP B 23 19.68 -27.78 -17.42
CA ASP B 23 20.42 -28.63 -18.35
C ASP B 23 21.16 -29.79 -17.75
N GLN B 24 21.81 -29.57 -16.60
CA GLN B 24 22.84 -30.51 -16.13
C GLN B 24 22.27 -31.69 -15.32
N VAL B 25 20.98 -31.94 -15.48
CA VAL B 25 20.28 -32.89 -14.64
C VAL B 25 19.21 -33.57 -15.47
N GLU B 26 18.73 -34.75 -15.04
CA GLU B 26 17.56 -35.32 -15.72
C GLU B 26 16.33 -35.30 -14.84
N VAL B 27 15.47 -34.33 -15.15
CA VAL B 27 14.20 -34.18 -14.50
C VAL B 27 13.26 -35.33 -14.86
N ARG B 28 12.60 -35.88 -13.86
CA ARG B 28 11.53 -36.82 -14.11
C ARG B 28 10.35 -36.51 -13.18
N TRP B 29 9.20 -37.02 -13.55
CA TRP B 29 8.00 -36.75 -12.80
C TRP B 29 7.32 -38.05 -12.50
N VAL B 30 6.39 -38.03 -11.56
CA VAL B 30 5.64 -39.21 -11.17
C VAL B 30 4.46 -38.79 -10.27
N ASP B 31 3.41 -39.60 -10.28
CA ASP B 31 2.26 -39.40 -9.41
C ASP B 31 2.53 -39.97 -8.01
N GLY B 32 3.08 -39.14 -7.11
CA GLY B 32 3.46 -39.56 -5.74
C GLY B 32 2.42 -40.12 -4.75
N PRO B 33 1.18 -39.61 -4.74
CA PRO B 33 0.07 -40.28 -4.06
C PRO B 33 -0.02 -41.78 -4.34
N ASP B 34 -0.10 -42.13 -5.63
CA ASP B 34 -0.14 -43.53 -6.12
C ASP B 34 1.13 -44.29 -5.68
N ARG B 35 0.96 -45.09 -4.61
CA ARG B 35 2.09 -45.75 -3.96
C ARG B 35 2.85 -46.65 -4.93
N ASP B 36 2.09 -47.37 -5.75
CA ASP B 36 2.66 -48.31 -6.71
C ASP B 36 3.62 -47.66 -7.70
N LYS B 37 3.08 -46.70 -8.50
CA LYS B 37 3.89 -46.04 -9.53
C LYS B 37 5.15 -45.45 -8.91
N LEU B 38 4.93 -44.76 -7.76
CA LEU B 38 5.99 -44.10 -6.99
C LEU B 38 7.20 -44.99 -6.82
N LEU B 39 6.99 -46.11 -6.12
CA LEU B 39 8.06 -47.02 -5.76
C LEU B 39 8.84 -47.53 -6.97
N ALA B 40 8.24 -47.42 -8.15
CA ALA B 40 8.85 -47.96 -9.38
C ALA B 40 9.83 -47.00 -10.07
N ALA B 41 9.82 -45.73 -9.65
CA ALA B 41 10.78 -44.75 -10.17
C ALA B 41 11.78 -44.27 -9.11
N VAL B 42 11.39 -44.35 -7.84
CA VAL B 42 12.23 -43.94 -6.70
C VAL B 42 13.65 -44.52 -6.73
N PRO B 43 13.76 -45.81 -7.09
CA PRO B 43 14.95 -46.63 -7.07
C PRO B 43 16.12 -46.03 -7.80
N GLU B 44 15.90 -45.16 -8.77
CA GLU B 44 17.07 -44.59 -9.45
C GLU B 44 17.08 -43.08 -9.45
N ALA B 45 16.61 -42.52 -8.35
CA ALA B 45 16.56 -41.08 -8.13
C ALA B 45 17.78 -40.61 -7.35
N ASP B 46 18.39 -39.51 -7.79
CA ASP B 46 19.49 -38.86 -7.07
C ASP B 46 18.96 -37.81 -6.09
N ALA B 47 17.71 -37.41 -6.33
CA ALA B 47 17.06 -36.40 -5.52
C ALA B 47 15.61 -36.62 -5.76
N LEU B 48 14.83 -36.74 -4.69
CA LEU B 48 13.38 -36.82 -4.82
C LEU B 48 12.75 -35.53 -4.28
N LEU B 49 11.98 -34.81 -5.10
CA LEU B 49 11.24 -33.60 -4.65
C LEU B 49 9.74 -33.82 -4.45
N VAL B 50 9.19 -33.18 -3.39
CA VAL B 50 7.76 -33.25 -3.05
C VAL B 50 7.09 -31.94 -2.62
N ARG B 51 5.76 -31.91 -2.66
CA ARG B 51 5.04 -30.87 -1.93
C ARG B 51 4.46 -31.36 -0.61
N SER B 52 3.26 -31.94 -0.66
CA SER B 52 2.67 -32.48 0.56
C SER B 52 1.77 -33.66 0.28
N ALA B 53 1.45 -33.91 -0.98
CA ALA B 53 0.56 -35.03 -1.30
C ALA B 53 1.24 -36.37 -1.12
N THR B 54 2.53 -36.44 -1.44
CA THR B 54 3.28 -37.70 -1.29
C THR B 54 3.80 -37.87 0.14
N THR B 55 4.27 -39.07 0.47
CA THR B 55 4.68 -39.35 1.84
C THR B 55 6.07 -39.99 1.90
N VAL B 56 7.11 -39.17 2.00
CA VAL B 56 8.50 -39.65 2.01
C VAL B 56 8.80 -40.29 3.36
N ASP B 57 8.88 -41.62 3.37
CA ASP B 57 8.98 -42.37 4.63
C ASP B 57 10.03 -43.46 4.60
N ALA B 58 10.20 -44.12 5.75
CA ALA B 58 11.17 -45.19 5.89
C ALA B 58 11.16 -46.11 4.68
N GLU B 59 9.96 -46.44 4.19
CA GLU B 59 9.81 -47.37 3.08
C GLU B 59 10.41 -46.84 1.78
N VAL B 60 9.90 -45.69 1.35
CA VAL B 60 10.34 -45.06 0.11
C VAL B 60 11.86 -44.91 0.07
N LEU B 61 12.43 -44.35 1.15
CA LEU B 61 13.87 -44.05 1.28
C LEU B 61 14.82 -45.20 0.97
N ALA B 62 14.73 -46.28 1.75
CA ALA B 62 15.62 -47.42 1.53
C ALA B 62 15.48 -47.92 0.10
N ALA B 63 14.25 -47.93 -0.38
CA ALA B 63 13.97 -48.37 -1.75
C ALA B 63 14.66 -47.46 -2.78
N ALA B 64 15.33 -46.37 -2.30
CA ALA B 64 16.08 -45.46 -3.18
C ALA B 64 17.50 -45.19 -2.67
N PRO B 65 18.46 -45.94 -3.19
CA PRO B 65 19.84 -45.94 -2.76
C PRO B 65 20.70 -44.89 -3.47
N LYS B 66 20.25 -44.38 -4.61
CA LYS B 66 20.98 -43.32 -5.30
C LYS B 66 20.74 -42.02 -4.56
N LEU B 67 19.71 -42.03 -3.73
CA LEU B 67 19.10 -40.81 -3.15
C LEU B 67 20.02 -39.98 -2.28
N LYS B 68 20.32 -38.76 -2.72
CA LYS B 68 21.18 -37.90 -1.96
C LYS B 68 20.38 -36.83 -1.23
N ILE B 69 19.17 -36.57 -1.72
CA ILE B 69 18.39 -35.46 -1.19
C ILE B 69 16.88 -35.59 -1.40
N VAL B 70 16.13 -35.41 -0.32
CA VAL B 70 14.68 -35.31 -0.39
C VAL B 70 14.37 -33.89 -0.08
N ALA B 71 13.52 -33.25 -0.87
CA ALA B 71 13.23 -31.80 -0.69
C ALA B 71 11.75 -31.49 -0.80
N ARG B 72 11.23 -30.76 0.16
CA ARG B 72 9.82 -30.36 0.09
C ARG B 72 9.72 -28.92 -0.35
N ALA B 73 8.70 -28.59 -1.15
CA ALA B 73 8.50 -27.19 -1.57
C ALA B 73 7.46 -26.58 -0.65
N GLY B 74 7.92 -26.19 0.54
CA GLY B 74 7.08 -25.73 1.59
C GLY B 74 7.96 -25.56 2.82
N VAL B 75 7.34 -25.26 3.96
CA VAL B 75 8.11 -25.07 5.17
C VAL B 75 7.91 -26.29 6.02
N GLY B 76 6.67 -26.79 6.02
CA GLY B 76 6.35 -27.99 6.81
C GLY B 76 7.14 -29.21 6.35
N LEU B 77 7.19 -30.25 7.18
CA LEU B 77 7.91 -31.47 6.80
C LEU B 77 7.14 -32.69 7.20
N ASP B 78 5.86 -32.49 7.52
CA ASP B 78 5.01 -33.50 8.13
C ASP B 78 5.01 -34.79 7.37
N ASN B 79 5.09 -34.69 6.04
CA ASN B 79 5.03 -35.83 5.17
C ASN B 79 6.40 -36.40 4.85
N VAL B 80 7.40 -36.05 5.65
CA VAL B 80 8.73 -36.64 5.49
C VAL B 80 9.32 -37.10 6.82
N ASP B 81 9.92 -38.29 6.78
CA ASP B 81 10.60 -38.90 7.91
C ASP B 81 12.09 -38.49 7.93
N VAL B 82 12.38 -37.40 8.62
CA VAL B 82 13.74 -36.85 8.68
C VAL B 82 14.77 -37.75 9.38
N ASP B 83 14.39 -38.36 10.50
CA ASP B 83 15.28 -39.26 11.23
C ASP B 83 15.66 -40.41 10.31
N ALA B 84 14.66 -40.97 9.64
CA ALA B 84 14.88 -42.02 8.67
C ALA B 84 15.96 -41.62 7.67
N ALA B 85 15.72 -40.54 6.94
CA ALA B 85 16.66 -40.16 5.90
C ALA B 85 18.06 -39.91 6.44
N THR B 86 18.16 -39.33 7.64
CA THR B 86 19.46 -39.05 8.20
C THR B 86 20.11 -40.39 8.37
N ALA B 87 19.28 -41.36 8.75
CA ALA B 87 19.75 -42.71 9.00
C ALA B 87 20.50 -43.26 7.78
N ARG B 88 20.00 -43.03 6.56
CA ARG B 88 20.83 -43.42 5.43
C ARG B 88 21.68 -42.30 4.80
N GLY B 89 22.03 -41.30 5.60
CA GLY B 89 22.89 -40.21 5.12
C GLY B 89 22.29 -39.27 4.09
N VAL B 90 20.96 -39.16 4.06
CA VAL B 90 20.28 -38.40 2.98
C VAL B 90 19.73 -37.05 3.42
N LEU B 91 20.30 -36.00 2.85
CA LEU B 91 19.90 -34.62 3.10
C LEU B 91 18.40 -34.42 2.95
N VAL B 92 17.79 -33.81 3.96
CA VAL B 92 16.41 -33.33 3.85
C VAL B 92 16.49 -31.80 3.78
N VAL B 93 15.71 -31.21 2.89
CA VAL B 93 15.66 -29.76 2.72
C VAL B 93 14.20 -29.29 2.50
N ASN B 94 13.89 -28.13 3.07
CA ASN B 94 12.62 -27.45 2.78
C ASN B 94 12.87 -26.07 2.18
N ALA B 95 11.80 -25.33 1.86
CA ALA B 95 11.95 -23.95 1.45
C ALA B 95 11.61 -23.01 2.64
N PRO B 96 12.56 -22.84 3.57
CA PRO B 96 12.31 -22.24 4.87
C PRO B 96 11.66 -20.86 4.86
N THR B 97 11.90 -20.05 3.83
CA THR B 97 11.39 -18.66 3.82
C THR B 97 10.48 -18.33 2.65
N SER B 98 10.00 -19.36 1.96
CA SER B 98 9.23 -19.18 0.73
C SER B 98 7.81 -18.70 1.07
N ASN B 99 7.57 -18.68 2.36
CA ASN B 99 6.33 -18.50 3.06
C ASN B 99 6.08 -17.04 3.35
N ILE B 100 7.18 -16.30 3.51
CA ILE B 100 7.11 -15.11 4.36
C ILE B 100 6.07 -14.07 3.98
N HIS B 101 6.09 -13.57 2.74
CA HIS B 101 5.10 -12.56 2.39
C HIS B 101 3.69 -13.14 2.26
N SER B 102 3.54 -14.36 1.73
CA SER B 102 2.18 -14.87 1.59
C SER B 102 1.52 -15.13 2.94
N ALA B 103 2.26 -15.74 3.87
CA ALA B 103 1.69 -16.02 5.20
C ALA B 103 1.40 -14.72 5.93
N ALA B 104 2.32 -13.76 5.80
CA ALA B 104 2.14 -12.50 6.51
C ALA B 104 0.90 -11.77 6.00
N GLU B 105 0.74 -11.71 4.69
CA GLU B 105 -0.51 -11.13 4.17
C GLU B 105 -1.70 -11.93 4.64
N HIS B 106 -1.55 -13.25 4.73
CA HIS B 106 -2.76 -13.98 4.97
C HIS B 106 -3.19 -13.67 6.36
N ALA B 107 -2.22 -13.41 7.24
CA ALA B 107 -2.58 -13.06 8.60
C ALA B 107 -3.33 -11.77 8.59
N LEU B 108 -2.85 -10.82 7.78
CA LEU B 108 -3.50 -9.52 7.77
C LEU B 108 -4.85 -9.73 7.19
N ALA B 109 -4.97 -10.59 6.17
CA ALA B 109 -6.26 -10.83 5.54
C ALA B 109 -7.28 -11.36 6.55
N LEU B 110 -6.86 -12.33 7.35
CA LEU B 110 -7.80 -12.91 8.27
C LEU B 110 -8.13 -11.89 9.35
N LEU B 111 -7.18 -11.02 9.66
CA LEU B 111 -7.43 -10.10 10.74
C LEU B 111 -8.51 -9.12 10.30
N LEU B 112 -8.48 -8.74 9.02
CA LEU B 112 -9.48 -7.82 8.51
C LEU B 112 -10.78 -8.52 8.23
N ALA B 113 -10.72 -9.76 7.75
CA ALA B 113 -11.97 -10.49 7.48
C ALA B 113 -12.73 -10.66 8.81
N ALA B 114 -11.99 -10.93 9.86
CA ALA B 114 -12.63 -11.22 11.10
C ALA B 114 -13.17 -9.91 11.66
N SER B 115 -12.52 -8.79 11.35
CA SER B 115 -12.86 -7.49 11.94
C SER B 115 -14.06 -6.83 11.27
N ARG B 116 -14.24 -7.14 10.00
CA ARG B 116 -15.34 -6.59 9.26
C ARG B 116 -16.37 -7.62 8.91
N GLN B 117 -16.20 -8.84 9.42
CA GLN B 117 -17.18 -9.90 9.23
C GLN B 117 -17.42 -10.21 7.76
N ILE B 118 -16.38 -10.06 6.95
CA ILE B 118 -16.49 -10.25 5.51
C ILE B 118 -17.28 -11.50 5.10
N PRO B 119 -16.80 -12.70 5.45
CA PRO B 119 -17.52 -13.92 5.03
C PRO B 119 -19.00 -13.97 5.44
N ALA B 120 -19.32 -13.62 6.68
CA ALA B 120 -20.74 -13.53 7.04
C ALA B 120 -21.51 -12.51 6.14
N ALA B 121 -20.89 -11.35 5.92
CA ALA B 121 -21.49 -10.31 5.09
C ALA B 121 -21.71 -10.81 3.68
N ASP B 122 -20.63 -11.18 2.99
CA ASP B 122 -20.72 -11.78 1.65
C ASP B 122 -21.82 -12.84 1.53
N ALA B 123 -21.94 -13.70 2.53
CA ALA B 123 -22.96 -14.76 2.50
C ALA B 123 -24.36 -14.19 2.48
N SER B 124 -24.57 -13.12 3.25
CA SER B 124 -25.88 -12.45 3.28
C SER B 124 -26.34 -12.11 1.86
N LEU B 125 -25.44 -11.56 1.06
CA LEU B 125 -25.72 -11.24 -0.34
C LEU B 125 -25.90 -12.48 -1.23
N ARG B 126 -25.05 -13.48 -1.01
CA ARG B 126 -25.20 -14.75 -1.70
C ARG B 126 -26.63 -15.28 -1.56
N GLU B 127 -27.22 -15.01 -0.39
CA GLU B 127 -28.56 -15.48 -0.05
C GLU B 127 -29.62 -14.47 -0.45
N HIS B 128 -29.18 -13.36 -1.06
CA HIS B 128 -30.10 -12.35 -1.53
C HIS B 128 -30.84 -11.65 -0.38
N THR B 129 -30.12 -11.31 0.68
CA THR B 129 -30.63 -10.46 1.74
C THR B 129 -29.80 -9.18 1.89
N TRP B 130 -30.47 -8.07 2.14
CA TRP B 130 -29.76 -6.85 2.46
C TRP B 130 -29.59 -6.70 3.98
N LYS B 131 -28.67 -7.45 4.56
CA LYS B 131 -28.52 -7.41 6.01
C LYS B 131 -27.50 -6.35 6.44
N ARG B 132 -27.41 -5.25 5.69
CA ARG B 132 -26.52 -4.16 6.11
C ARG B 132 -26.68 -3.83 7.59
N SER B 133 -27.91 -3.66 8.02
CA SER B 133 -28.17 -3.27 9.39
C SER B 133 -27.75 -4.32 10.43
N SER B 134 -27.21 -5.47 9.99
CA SER B 134 -26.91 -6.57 10.92
C SER B 134 -25.42 -6.67 11.31
N PHE B 135 -24.58 -5.93 10.60
CA PHE B 135 -23.13 -5.99 10.77
C PHE B 135 -22.58 -4.74 11.44
N SER B 136 -21.48 -4.92 12.14
CA SER B 136 -20.85 -3.82 12.83
C SER B 136 -19.46 -4.29 13.19
N GLY B 137 -18.45 -3.68 12.57
CA GLY B 137 -17.09 -4.12 12.71
C GLY B 137 -16.23 -3.25 13.61
N THR B 138 -14.92 -3.46 13.49
CA THR B 138 -13.95 -2.85 14.38
C THR B 138 -12.83 -2.20 13.57
N GLU B 139 -12.54 -0.95 13.93
CA GLU B 139 -11.52 -0.23 13.24
C GLU B 139 -10.25 -0.62 13.86
N ILE B 140 -9.19 -0.63 13.06
CA ILE B 140 -7.86 -0.95 13.53
C ILE B 140 -7.18 0.32 13.96
N PHE B 141 -7.47 1.44 13.31
CA PHE B 141 -6.70 2.66 13.54
C PHE B 141 -6.62 3.10 15.05
N GLY B 142 -5.40 3.38 15.53
CA GLY B 142 -5.13 3.88 16.86
C GLY B 142 -5.28 2.80 17.93
N LYS B 143 -5.59 1.58 17.49
CA LYS B 143 -5.81 0.47 18.44
C LYS B 143 -4.47 -0.18 18.69
N THR B 144 -4.36 -1.00 19.73
CA THR B 144 -3.10 -1.65 20.05
C THR B 144 -3.12 -3.08 19.53
N VAL B 145 -2.07 -3.48 18.81
CA VAL B 145 -2.02 -4.85 18.27
C VAL B 145 -0.93 -5.69 18.94
N GLY B 146 -1.32 -6.83 19.52
CA GLY B 146 -0.36 -7.76 20.10
C GLY B 146 0.08 -8.83 19.08
N VAL B 147 1.37 -8.85 18.78
CA VAL B 147 1.96 -9.91 18.02
C VAL B 147 2.60 -10.89 18.98
N VAL B 148 2.21 -12.16 18.93
CA VAL B 148 2.84 -13.14 19.81
C VAL B 148 3.80 -14.01 19.05
N GLY B 149 5.07 -13.89 19.35
CA GLY B 149 6.07 -14.57 18.53
C GLY B 149 6.54 -13.69 17.38
N LEU B 150 7.87 -13.61 17.21
CA LEU B 150 8.49 -12.68 16.26
C LEU B 150 9.48 -13.33 15.28
N GLY B 151 9.14 -14.48 14.72
CA GLY B 151 9.87 -14.94 13.51
C GLY B 151 9.69 -13.96 12.36
N ARG B 152 10.28 -14.23 11.20
CA ARG B 152 10.30 -13.23 10.11
C ARG B 152 8.86 -12.81 9.85
N ILE B 153 7.95 -13.78 9.82
CA ILE B 153 6.55 -13.48 9.54
C ILE B 153 5.90 -12.59 10.54
N GLY B 154 6.16 -12.85 11.81
CA GLY B 154 5.55 -12.02 12.83
C GLY B 154 6.08 -10.63 12.65
N GLN B 155 7.36 -10.51 12.31
CA GLN B 155 7.92 -9.18 12.19
C GLN B 155 7.35 -8.48 10.97
N LEU B 156 7.21 -9.21 9.85
CA LEU B 156 6.55 -8.61 8.70
C LEU B 156 5.13 -8.11 9.07
N VAL B 157 4.36 -8.96 9.77
CA VAL B 157 3.02 -8.59 10.18
C VAL B 157 3.09 -7.36 11.07
N ALA B 158 3.95 -7.37 12.09
CA ALA B 158 4.16 -6.11 12.85
C ALA B 158 4.31 -4.92 11.90
N GLN B 159 5.11 -5.04 10.86
CA GLN B 159 5.30 -3.87 9.99
C GLN B 159 4.13 -3.49 9.12
N ARG B 160 3.46 -4.46 8.53
CA ARG B 160 2.19 -4.19 7.85
C ARG B 160 1.15 -3.54 8.80
N ILE B 161 0.99 -3.98 10.04
CA ILE B 161 -0.09 -3.35 10.87
C ILE B 161 0.20 -1.92 11.30
N ALA B 162 1.47 -1.63 11.58
CA ALA B 162 1.84 -0.29 12.00
C ALA B 162 1.34 0.73 10.98
N ALA B 163 1.23 0.31 9.72
CA ALA B 163 0.81 1.25 8.68
C ALA B 163 -0.68 1.55 8.78
N PHE B 164 -1.45 0.68 9.44
CA PHE B 164 -2.84 1.01 9.74
C PHE B 164 -2.95 2.02 10.88
N GLY B 165 -1.84 2.33 11.50
CA GLY B 165 -1.84 3.41 12.48
C GLY B 165 -2.10 2.89 13.90
N ALA B 166 -1.92 1.58 14.07
CA ALA B 166 -2.05 0.85 15.29
C ALA B 166 -0.71 0.87 16.02
N TYR B 167 -0.72 0.72 17.33
CA TYR B 167 0.57 0.57 18.05
C TYR B 167 0.87 -0.89 18.13
N VAL B 168 2.12 -1.26 17.93
CA VAL B 168 2.39 -2.69 18.04
C VAL B 168 3.25 -2.99 19.23
N VAL B 169 2.71 -3.82 20.14
CA VAL B 169 3.46 -4.48 21.24
C VAL B 169 3.59 -5.97 20.84
N ALA B 170 4.59 -6.67 21.38
CA ALA B 170 4.76 -8.09 21.07
C ALA B 170 5.49 -8.78 22.19
N TYR B 171 5.29 -10.10 22.29
CA TYR B 171 5.98 -10.99 23.27
C TYR B 171 6.93 -11.92 22.55
N ASP B 172 8.20 -11.87 22.93
CA ASP B 172 9.21 -12.76 22.36
C ASP B 172 10.57 -12.44 22.93
N PRO B 173 10.95 -13.18 23.96
CA PRO B 173 12.12 -12.91 24.76
C PRO B 173 13.43 -13.25 24.07
N TYR B 174 13.39 -13.92 22.90
CA TYR B 174 14.63 -14.21 22.18
C TYR B 174 14.88 -13.29 20.98
N VAL B 175 14.00 -12.31 20.80
CA VAL B 175 14.17 -11.40 19.71
C VAL B 175 15.16 -10.31 20.10
N SER B 176 15.99 -9.94 19.12
CA SER B 176 16.91 -8.83 19.28
C SER B 176 16.06 -7.64 19.63
N PRO B 177 16.26 -7.05 20.81
CA PRO B 177 15.51 -5.82 21.20
C PRO B 177 15.69 -4.69 20.15
N ALA B 178 16.91 -4.54 19.66
CA ALA B 178 17.18 -3.61 18.58
C ALA B 178 16.27 -3.83 17.43
N ARG B 179 16.24 -5.06 16.91
CA ARG B 179 15.35 -5.38 15.78
C ARG B 179 13.89 -5.01 16.10
N ALA B 180 13.43 -5.34 17.31
CA ALA B 180 12.08 -4.94 17.70
C ALA B 180 11.85 -3.42 17.68
N ALA B 181 12.74 -2.63 18.26
CA ALA B 181 12.57 -1.18 18.09
C ALA B 181 12.72 -0.74 16.60
N GLN B 182 13.56 -1.40 15.82
CA GLN B 182 13.52 -0.99 14.43
C GLN B 182 12.16 -1.34 13.78
N LEU B 183 11.46 -2.36 14.29
CA LEU B 183 10.19 -2.76 13.70
C LEU B 183 9.05 -1.92 14.27
N GLY B 184 9.37 -1.02 15.20
CA GLY B 184 8.38 -0.12 15.76
C GLY B 184 7.61 -0.83 16.86
N ILE B 185 8.26 -1.77 17.53
CA ILE B 185 7.57 -2.63 18.45
C ILE B 185 8.05 -2.46 19.83
N GLU B 186 7.09 -2.43 20.74
CA GLU B 186 7.30 -2.35 22.15
C GLU B 186 7.26 -3.78 22.68
N LEU B 187 8.38 -4.25 23.23
CA LEU B 187 8.43 -5.56 23.89
C LEU B 187 7.78 -5.59 25.28
N LEU B 188 7.03 -6.67 25.52
CA LEU B 188 6.23 -6.81 26.73
C LEU B 188 6.31 -8.22 27.23
N SER B 189 5.86 -8.44 28.45
CA SER B 189 5.61 -9.77 28.93
C SER B 189 4.31 -10.29 28.30
N LEU B 190 4.14 -11.61 28.26
CA LEU B 190 2.93 -12.16 27.65
C LEU B 190 1.73 -11.69 28.46
N ASP B 191 1.96 -11.46 29.80
CA ASP B 191 0.91 -10.92 30.64
C ASP B 191 0.47 -9.52 30.16
N ASP B 192 1.41 -8.59 30.06
CA ASP B 192 1.06 -7.23 29.69
C ASP B 192 0.47 -7.13 28.28
N LEU B 193 1.12 -7.79 27.31
CA LEU B 193 0.48 -7.87 26.01
C LEU B 193 -0.98 -8.34 26.11
N LEU B 194 -1.27 -9.36 26.93
CA LEU B 194 -2.62 -9.87 26.93
C LEU B 194 -3.60 -8.84 27.44
N ALA B 195 -3.14 -8.03 28.45
CA ALA B 195 -4.00 -6.98 29.06
C ALA B 195 -4.26 -5.88 28.02
N ARG B 196 -3.24 -5.50 27.22
CA ARG B 196 -3.34 -4.26 26.44
C ARG B 196 -3.79 -4.46 25.00
N ALA B 197 -3.83 -5.70 24.52
CA ALA B 197 -4.13 -5.94 23.09
C ALA B 197 -5.61 -5.81 22.75
N ASP B 198 -5.88 -5.12 21.63
CA ASP B 198 -7.22 -5.06 21.08
C ASP B 198 -7.32 -6.11 19.98
N PHE B 199 -6.18 -6.40 19.34
CA PHE B 199 -6.10 -7.53 18.43
C PHE B 199 -4.88 -8.37 18.84
N ILE B 200 -4.89 -9.64 18.50
CA ILE B 200 -3.72 -10.45 18.74
C ILE B 200 -3.55 -11.36 17.58
N SER B 201 -2.33 -11.41 17.09
CA SER B 201 -1.99 -12.31 16.02
C SER B 201 -0.82 -13.09 16.55
N VAL B 202 -0.86 -14.41 16.44
CA VAL B 202 0.15 -15.29 17.07
C VAL B 202 0.96 -15.93 16.00
N HIS B 203 2.25 -16.06 16.25
CA HIS B 203 3.19 -16.45 15.19
C HIS B 203 4.32 -17.29 15.70
N LEU B 204 4.97 -18.01 14.79
CA LEU B 204 6.18 -18.69 15.16
C LEU B 204 7.16 -17.67 15.75
N PRO B 205 7.70 -17.98 16.91
CA PRO B 205 8.62 -17.12 17.63
C PRO B 205 9.98 -17.14 17.00
N LYS B 206 10.94 -16.46 17.63
CA LYS B 206 12.26 -16.42 17.03
C LYS B 206 12.92 -17.77 17.23
N THR B 207 12.59 -18.48 18.31
CA THR B 207 13.16 -19.78 18.60
C THR B 207 12.13 -20.88 18.50
N PRO B 208 12.24 -21.71 17.45
CA PRO B 208 11.07 -22.43 16.97
C PRO B 208 10.62 -23.37 18.08
N GLU B 209 9.44 -23.11 18.60
CA GLU B 209 8.95 -23.89 19.71
C GLU B 209 9.68 -23.62 21.05
N THR B 210 10.01 -22.36 21.29
CA THR B 210 10.04 -21.90 22.67
C THR B 210 8.55 -21.79 22.98
N ALA B 211 7.77 -21.48 21.93
CA ALA B 211 6.31 -21.39 21.98
C ALA B 211 5.54 -22.40 22.87
N GLY B 212 4.48 -21.91 23.49
CA GLY B 212 3.49 -22.68 24.25
C GLY B 212 2.09 -22.25 23.84
N LEU B 213 1.10 -22.46 24.72
CA LEU B 213 -0.29 -22.36 24.31
C LEU B 213 -0.92 -21.00 24.65
N ILE B 214 -1.94 -20.59 23.90
CA ILE B 214 -2.92 -19.62 24.41
C ILE B 214 -4.11 -20.44 24.88
N ASP B 215 -4.25 -20.61 26.24
CA ASP B 215 -5.38 -21.42 26.70
C ASP B 215 -6.46 -20.61 27.41
N LYS B 216 -7.45 -21.35 27.99
CA LYS B 216 -8.46 -20.74 28.87
C LYS B 216 -7.82 -19.53 29.65
N GLU B 217 -6.89 -19.95 30.55
CA GLU B 217 -6.28 -19.01 31.49
C GLU B 217 -5.71 -17.76 30.84
N ALA B 218 -5.08 -17.90 29.68
CA ALA B 218 -4.58 -16.72 28.97
C ALA B 218 -5.66 -15.92 28.22
N LEU B 219 -6.58 -16.67 27.52
CA LEU B 219 -7.67 -15.91 26.83
C LEU B 219 -8.39 -15.01 27.91
N ALA B 220 -8.64 -15.55 29.12
CA ALA B 220 -9.32 -14.83 30.19
C ALA B 220 -8.47 -13.65 30.78
N LYS B 221 -7.29 -13.43 30.22
CA LYS B 221 -6.49 -12.28 30.68
C LYS B 221 -6.56 -11.12 29.68
N THR B 222 -7.20 -11.39 28.50
CA THR B 222 -7.20 -10.43 27.42
C THR B 222 -8.27 -9.40 27.71
N LYS B 223 -8.25 -8.29 26.96
CA LYS B 223 -9.36 -7.29 26.97
C LYS B 223 -10.64 -7.92 26.47
N PRO B 224 -11.77 -7.59 27.15
CA PRO B 224 -12.98 -8.10 26.47
C PRO B 224 -13.15 -7.29 25.18
N GLY B 225 -13.60 -7.95 24.11
CA GLY B 225 -13.67 -7.36 22.79
C GLY B 225 -12.36 -7.47 22.02
N VAL B 226 -11.59 -8.54 22.24
CA VAL B 226 -10.40 -8.76 21.44
C VAL B 226 -10.69 -9.51 20.18
N ILE B 227 -9.74 -9.44 19.25
CA ILE B 227 -9.86 -10.17 18.03
C ILE B 227 -8.59 -11.01 17.93
N ILE B 228 -8.74 -12.33 17.84
CA ILE B 228 -7.58 -13.20 17.79
C ILE B 228 -7.41 -13.80 16.40
N VAL B 229 -6.17 -13.81 15.94
CA VAL B 229 -5.89 -14.47 14.68
C VAL B 229 -4.75 -15.46 14.85
N ASN B 230 -4.95 -16.66 14.31
CA ASN B 230 -3.88 -17.60 14.24
C ASN B 230 -3.75 -18.14 12.84
N ALA B 231 -2.81 -17.60 12.08
CA ALA B 231 -2.43 -18.20 10.82
C ALA B 231 -1.10 -18.95 10.92
N ALA B 232 -0.51 -19.02 12.11
CA ALA B 232 0.81 -19.62 12.33
C ALA B 232 0.85 -21.16 12.46
N ARG B 233 0.21 -21.75 13.46
CA ARG B 233 0.24 -23.19 13.53
C ARG B 233 -0.84 -23.88 14.38
N GLY B 234 -1.17 -25.09 13.96
CA GLY B 234 -1.97 -26.05 14.71
C GLY B 234 -2.87 -25.50 15.78
N GLY B 235 -2.48 -25.75 17.03
CA GLY B 235 -3.26 -25.26 18.15
C GLY B 235 -2.51 -24.24 18.98
N LEU B 236 -1.72 -23.40 18.35
CA LEU B 236 -1.03 -22.39 19.10
C LEU B 236 -2.01 -21.66 20.02
N VAL B 237 -3.30 -21.70 19.68
CA VAL B 237 -4.35 -21.14 20.48
C VAL B 237 -5.36 -22.25 20.61
N ASP B 238 -5.80 -22.58 21.83
CA ASP B 238 -6.55 -23.80 22.11
C ASP B 238 -7.95 -23.79 21.51
N GLU B 239 -8.12 -24.47 20.37
CA GLU B 239 -9.42 -24.54 19.70
C GLU B 239 -10.66 -24.50 20.59
N ALA B 240 -10.66 -25.25 21.68
CA ALA B 240 -11.85 -25.31 22.54
C ALA B 240 -12.02 -24.08 23.46
N ALA B 241 -10.98 -23.72 24.21
CA ALA B 241 -10.96 -22.47 24.97
C ALA B 241 -11.50 -21.29 24.16
N LEU B 242 -10.90 -21.04 22.99
CA LEU B 242 -11.37 -20.05 22.06
C LEU B 242 -12.88 -20.08 21.83
N ALA B 243 -13.45 -21.23 21.46
CA ALA B 243 -14.90 -21.30 21.20
C ALA B 243 -15.77 -20.84 22.37
N ASP B 244 -15.35 -21.18 23.59
CA ASP B 244 -16.09 -20.79 24.78
C ASP B 244 -15.94 -19.31 25.06
N ALA B 245 -14.77 -18.79 24.68
CA ALA B 245 -14.60 -17.36 24.92
C ALA B 245 -15.43 -16.56 23.88
N ILE B 246 -15.62 -17.13 22.70
CA ILE B 246 -16.44 -16.54 21.65
C ILE B 246 -17.88 -16.48 22.16
N THR B 247 -18.45 -17.67 22.26
CA THR B 247 -19.80 -17.90 22.71
C THR B 247 -20.00 -17.27 24.07
N GLY B 248 -18.97 -17.46 24.97
CA GLY B 248 -19.14 -16.91 26.34
C GLY B 248 -18.87 -15.42 26.44
N GLY B 249 -18.85 -14.75 25.24
CA GLY B 249 -18.85 -13.28 25.24
C GLY B 249 -17.50 -12.60 25.18
N HIS B 250 -16.44 -13.23 25.70
CA HIS B 250 -15.16 -12.50 25.88
C HIS B 250 -14.39 -12.13 24.62
N VAL B 251 -14.40 -12.99 23.60
CA VAL B 251 -13.67 -12.69 22.38
C VAL B 251 -14.59 -12.27 21.24
N ARG B 252 -14.43 -11.03 20.73
CA ARG B 252 -15.33 -10.52 19.71
C ARG B 252 -15.30 -11.38 18.45
N ALA B 253 -14.11 -11.51 17.85
CA ALA B 253 -13.99 -12.39 16.70
C ALA B 253 -12.61 -13.03 16.62
N ALA B 254 -12.47 -13.98 15.71
CA ALA B 254 -11.21 -14.70 15.56
C ALA B 254 -11.02 -15.18 14.12
N GLY B 255 -9.77 -15.36 13.72
CA GLY B 255 -9.47 -15.84 12.38
C GLY B 255 -8.42 -16.92 12.45
N LEU B 256 -8.73 -18.08 11.87
CA LEU B 256 -7.80 -19.18 11.86
C LEU B 256 -7.61 -19.75 10.49
N ASP B 257 -6.36 -20.08 10.21
CA ASP B 257 -5.99 -20.63 8.94
C ASP B 257 -5.54 -22.06 9.18
N VAL B 258 -5.39 -22.43 10.46
CA VAL B 258 -4.80 -23.72 10.84
C VAL B 258 -5.51 -24.41 12.01
N PHE B 259 -5.28 -25.71 12.15
CA PHE B 259 -5.98 -26.46 13.19
C PHE B 259 -5.09 -27.59 13.74
N ALA B 260 -5.25 -27.85 15.05
CA ALA B 260 -4.50 -28.90 15.78
C ALA B 260 -4.36 -30.17 14.97
N THR B 261 -5.42 -30.52 14.23
CA THR B 261 -5.42 -31.71 13.40
C THR B 261 -6.00 -31.48 12.00
N GLU B 262 -5.20 -31.73 10.96
CA GLU B 262 -5.59 -31.45 9.57
C GLU B 262 -5.46 -32.65 8.67
N PRO B 263 -6.53 -32.99 7.91
CA PRO B 263 -7.77 -32.22 7.72
C PRO B 263 -8.62 -32.06 8.98
N CYS B 264 -9.16 -30.86 9.16
CA CYS B 264 -10.18 -30.62 10.17
C CYS B 264 -11.48 -30.22 9.47
N THR B 265 -12.56 -30.96 9.72
CA THR B 265 -13.86 -30.64 9.11
C THR B 265 -14.98 -30.61 10.14
N ASP B 266 -14.61 -30.75 11.41
CA ASP B 266 -15.62 -30.90 12.45
C ASP B 266 -15.31 -30.03 13.67
N SER B 267 -14.26 -29.20 13.58
CA SER B 267 -14.12 -28.23 14.66
C SER B 267 -15.48 -27.62 15.05
N PRO B 268 -15.73 -27.44 16.36
CA PRO B 268 -16.94 -26.72 16.74
C PRO B 268 -16.80 -25.23 16.47
N LEU B 269 -15.60 -24.79 16.10
CA LEU B 269 -15.39 -23.39 15.73
C LEU B 269 -16.15 -23.09 14.45
N PHE B 270 -16.43 -24.14 13.67
CA PHE B 270 -17.15 -23.96 12.41
C PHE B 270 -18.60 -23.59 12.65
N GLU B 271 -19.05 -23.78 13.89
CA GLU B 271 -20.40 -23.38 14.28
C GLU B 271 -20.48 -21.94 14.80
N LEU B 272 -19.35 -21.24 14.77
CA LEU B 272 -19.32 -19.87 15.29
C LEU B 272 -19.11 -18.82 14.19
N ALA B 273 -20.07 -17.88 14.07
CA ALA B 273 -20.02 -16.89 13.01
C ALA B 273 -19.12 -15.69 13.32
N GLN B 274 -18.61 -15.60 14.55
CA GLN B 274 -17.65 -14.59 14.95
C GLN B 274 -16.26 -15.07 14.50
N VAL B 275 -16.24 -16.28 13.94
CA VAL B 275 -15.01 -16.96 13.64
C VAL B 275 -14.80 -17.11 12.14
N VAL B 276 -13.78 -16.44 11.60
CA VAL B 276 -13.47 -16.67 10.22
C VAL B 276 -12.41 -17.73 10.15
N VAL B 277 -12.58 -18.69 9.26
CA VAL B 277 -11.63 -19.80 9.12
C VAL B 277 -11.33 -20.06 7.66
N THR B 278 -10.16 -20.62 7.41
CA THR B 278 -9.73 -21.00 6.06
C THR B 278 -8.85 -22.20 6.27
N PRO B 279 -8.77 -23.06 5.26
CA PRO B 279 -8.09 -24.34 5.32
C PRO B 279 -6.59 -24.32 4.94
N HIS B 280 -5.79 -23.72 5.81
CA HIS B 280 -4.36 -23.68 5.67
C HIS B 280 -4.01 -23.21 4.30
N LEU B 281 -4.51 -22.01 3.99
CA LEU B 281 -4.28 -21.38 2.71
C LEU B 281 -3.05 -20.45 2.73
N GLY B 282 -2.50 -20.22 3.93
CA GLY B 282 -1.40 -19.28 4.16
C GLY B 282 -0.33 -19.22 3.09
N ALA B 283 0.06 -20.36 2.56
CA ALA B 283 1.06 -20.33 1.48
C ALA B 283 0.52 -20.72 0.15
N SER B 284 -0.79 -20.68 -0.01
CA SER B 284 -1.33 -21.16 -1.26
C SER B 284 -1.39 -20.02 -2.26
N THR B 285 -0.28 -19.80 -2.96
CA THR B 285 -0.08 -18.58 -3.70
C THR B 285 0.84 -18.91 -4.83
N ALA B 286 0.48 -18.61 -6.07
CA ALA B 286 1.41 -18.97 -7.12
C ALA B 286 2.79 -18.40 -6.79
N GLU B 287 2.85 -17.21 -6.21
CA GLU B 287 4.14 -16.57 -5.94
C GLU B 287 4.97 -17.30 -4.85
N ALA B 288 4.30 -17.81 -3.83
CA ALA B 288 4.99 -18.66 -2.85
C ALA B 288 5.47 -19.97 -3.49
N GLN B 289 4.63 -20.57 -4.31
CA GLN B 289 4.99 -21.83 -4.86
C GLN B 289 6.18 -21.64 -5.79
N ASP B 290 6.10 -20.57 -6.55
CA ASP B 290 7.20 -20.22 -7.45
C ASP B 290 8.53 -20.08 -6.68
N ARG B 291 8.47 -19.50 -5.50
CA ARG B 291 9.67 -19.28 -4.75
C ARG B 291 10.16 -20.60 -4.11
N ALA B 292 9.22 -21.40 -3.64
CA ALA B 292 9.55 -22.69 -3.04
C ALA B 292 10.22 -23.58 -4.10
N GLY B 293 9.56 -23.74 -5.24
CA GLY B 293 10.17 -24.44 -6.36
C GLY B 293 11.58 -23.95 -6.72
N THR B 294 11.81 -22.65 -6.88
CA THR B 294 13.18 -22.32 -7.24
C THR B 294 14.14 -22.47 -6.09
N ASP B 295 13.62 -22.45 -4.85
CA ASP B 295 14.43 -22.63 -3.63
C ASP B 295 14.96 -24.08 -3.60
N VAL B 296 14.04 -25.03 -3.62
CA VAL B 296 14.45 -26.41 -3.65
C VAL B 296 15.40 -26.72 -4.86
N ALA B 297 15.13 -26.17 -6.03
CA ALA B 297 16.09 -26.25 -7.16
C ALA B 297 17.50 -25.74 -6.85
N GLU B 298 17.64 -24.69 -6.04
CA GLU B 298 18.97 -24.21 -5.69
C GLU B 298 19.61 -25.16 -4.70
N SER B 299 18.79 -25.72 -3.81
CA SER B 299 19.29 -26.67 -2.80
C SER B 299 19.82 -27.96 -3.43
N VAL B 300 19.20 -28.36 -4.53
CA VAL B 300 19.46 -29.65 -5.08
C VAL B 300 20.71 -29.54 -5.93
N ARG B 301 20.79 -28.44 -6.66
CA ARG B 301 22.02 -28.10 -7.37
C ARG B 301 23.20 -28.12 -6.41
N LEU B 302 23.03 -27.55 -5.20
CA LEU B 302 24.12 -27.52 -4.23
C LEU B 302 24.43 -28.94 -3.76
N ALA B 303 23.38 -29.67 -3.43
CA ALA B 303 23.55 -31.03 -2.94
C ALA B 303 24.24 -31.83 -4.02
N LEU B 304 23.76 -31.75 -5.25
CA LEU B 304 24.39 -32.54 -6.33
C LEU B 304 25.83 -32.14 -6.63
N ALA B 305 26.12 -30.85 -6.74
CA ALA B 305 27.50 -30.40 -6.92
C ALA B 305 28.36 -30.70 -5.69
N GLY B 306 27.79 -31.43 -4.72
CA GLY B 306 28.50 -31.75 -3.49
C GLY B 306 28.83 -30.57 -2.55
N GLU B 307 28.02 -29.51 -2.61
CA GLU B 307 28.33 -28.32 -1.81
C GLU B 307 27.50 -28.25 -0.55
N PHE B 308 27.86 -27.31 0.31
CA PHE B 308 27.14 -27.07 1.54
C PHE B 308 25.75 -26.58 1.18
N VAL B 309 24.75 -27.22 1.76
CA VAL B 309 23.32 -26.95 1.53
C VAL B 309 22.63 -26.22 2.71
N PRO B 310 22.62 -24.88 2.67
CA PRO B 310 22.17 -24.16 3.84
C PRO B 310 20.75 -24.50 4.28
N ASP B 311 19.85 -24.82 3.38
CA ASP B 311 18.49 -25.13 3.87
C ASP B 311 18.35 -26.60 4.29
N ALA B 312 19.44 -27.27 4.61
CA ALA B 312 19.29 -28.65 5.04
C ALA B 312 18.95 -28.77 6.54
N VAL B 313 17.95 -29.60 6.80
CA VAL B 313 17.32 -29.71 8.11
C VAL B 313 17.98 -30.74 9.03
N ASN B 314 18.87 -31.55 8.45
CA ASN B 314 19.43 -32.73 9.11
C ASN B 314 20.94 -32.89 8.88
N VAL B 315 21.63 -31.83 8.50
CA VAL B 315 23.10 -31.81 8.56
C VAL B 315 23.58 -31.58 10.02
N GLY B 316 24.89 -31.46 10.20
CA GLY B 316 25.51 -31.52 11.54
C GLY B 316 25.00 -30.61 12.64
N GLY B 317 25.68 -29.47 12.81
CA GLY B 317 25.24 -28.42 13.74
C GLY B 317 23.75 -28.21 13.56
N GLY B 318 23.32 -28.31 12.31
CA GLY B 318 21.93 -28.58 11.99
C GLY B 318 21.29 -27.70 10.93
N VAL B 319 20.43 -26.82 11.45
CA VAL B 319 19.58 -25.95 10.66
C VAL B 319 20.25 -24.58 10.65
N VAL B 320 20.73 -24.12 9.50
CA VAL B 320 21.23 -22.75 9.42
C VAL B 320 20.00 -21.87 9.39
N ASN B 321 19.93 -20.93 10.30
CA ASN B 321 18.78 -20.07 10.43
C ASN B 321 18.48 -19.12 9.21
N GLU B 322 17.23 -19.09 8.78
CA GLU B 322 16.82 -18.21 7.68
C GLU B 322 17.44 -16.79 7.76
N GLU B 323 17.63 -16.28 8.98
CA GLU B 323 18.23 -14.98 9.19
C GLU B 323 19.75 -14.98 8.90
N VAL B 324 20.39 -16.14 8.97
CA VAL B 324 21.82 -16.18 8.81
C VAL B 324 22.23 -16.56 7.39
N ALA B 325 21.44 -17.44 6.78
CA ALA B 325 21.77 -17.99 5.45
C ALA B 325 22.36 -16.97 4.45
N PRO B 326 21.69 -15.79 4.25
CA PRO B 326 22.19 -14.80 3.30
C PRO B 326 23.59 -14.31 3.64
N TRP B 327 24.03 -14.55 4.87
CA TRP B 327 25.34 -14.06 5.25
C TRP B 327 26.49 -14.95 4.83
N LEU B 328 26.19 -16.22 4.61
CA LEU B 328 27.22 -17.18 4.28
C LEU B 328 28.06 -16.67 3.14
N ASP B 329 27.45 -16.51 1.97
CA ASP B 329 28.21 -16.12 0.80
C ASP B 329 29.02 -14.81 0.98
N LEU B 330 28.45 -13.87 1.74
CA LEU B 330 29.06 -12.56 1.94
C LEU B 330 30.26 -12.72 2.82
N VAL B 331 30.13 -13.56 3.84
CA VAL B 331 31.23 -13.69 4.77
C VAL B 331 32.37 -14.48 4.12
N ARG B 332 32.00 -15.42 3.27
CA ARG B 332 32.96 -16.14 2.44
C ARG B 332 33.78 -15.08 1.71
N LYS B 333 33.07 -14.04 1.25
CA LYS B 333 33.69 -13.02 0.44
C LYS B 333 34.66 -12.25 1.28
N LEU B 334 34.21 -11.92 2.49
CA LEU B 334 35.02 -11.22 3.46
C LEU B 334 36.32 -11.94 3.68
N GLY B 335 36.28 -13.27 3.73
CA GLY B 335 37.51 -14.04 3.85
C GLY B 335 38.45 -14.01 2.64
N VAL B 336 37.89 -13.94 1.43
CA VAL B 336 38.71 -13.86 0.23
C VAL B 336 39.50 -12.55 0.32
N LEU B 337 38.78 -11.48 0.66
CA LEU B 337 39.41 -10.21 0.92
C LEU B 337 40.52 -10.23 2.01
N ALA B 338 40.25 -10.86 3.17
CA ALA B 338 41.18 -10.79 4.31
C ALA B 338 42.49 -11.39 3.89
N GLY B 339 42.38 -12.38 2.99
CA GLY B 339 43.52 -13.16 2.53
C GLY B 339 44.34 -12.49 1.47
N VAL B 340 43.71 -12.29 0.31
CA VAL B 340 44.32 -11.64 -0.84
C VAL B 340 45.03 -10.38 -0.39
N LEU B 341 44.63 -9.85 0.76
CA LEU B 341 45.15 -8.57 1.28
C LEU B 341 46.34 -8.65 2.26
N SER B 342 46.39 -9.73 3.05
CA SER B 342 47.57 -10.03 3.85
C SER B 342 48.68 -10.39 2.86
N ASP B 343 49.89 -9.86 3.07
CA ASP B 343 50.99 -10.31 2.22
C ASP B 343 51.48 -11.68 2.69
N GLU B 344 51.80 -11.81 3.98
CA GLU B 344 52.12 -13.11 4.56
C GLU B 344 50.83 -13.89 4.79
N LEU B 345 50.90 -15.20 4.68
CA LEU B 345 49.77 -16.03 5.10
C LEU B 345 49.50 -15.78 6.61
N PRO B 346 48.23 -15.80 7.00
CA PRO B 346 48.02 -15.30 8.34
C PRO B 346 48.14 -16.42 9.36
N VAL B 347 48.43 -16.08 10.62
CA VAL B 347 48.48 -17.07 11.72
C VAL B 347 47.15 -17.15 12.52
N SER B 348 46.32 -16.13 12.35
CA SER B 348 45.00 -16.09 12.96
C SER B 348 44.01 -15.44 11.97
N LEU B 349 42.75 -15.90 12.06
CA LEU B 349 41.64 -15.29 11.38
C LEU B 349 40.50 -15.11 12.37
N SER B 350 40.01 -13.88 12.51
CA SER B 350 39.05 -13.56 13.56
C SER B 350 37.79 -12.96 12.93
N VAL B 351 36.64 -13.57 13.21
CA VAL B 351 35.39 -13.13 12.62
C VAL B 351 34.55 -12.55 13.73
N GLN B 352 34.28 -11.25 13.61
CA GLN B 352 33.44 -10.58 14.58
C GLN B 352 32.06 -10.13 13.99
N VAL B 353 31.01 -10.80 14.44
CA VAL B 353 29.63 -10.39 14.17
C VAL B 353 29.20 -9.34 15.20
N ARG B 354 28.75 -8.17 14.70
CA ARG B 354 28.14 -7.12 15.55
C ARG B 354 26.78 -6.65 15.06
N GLY B 355 25.84 -6.53 16.00
CA GLY B 355 24.53 -5.99 15.70
C GLY B 355 23.40 -6.97 15.88
N GLU B 356 22.42 -6.93 14.98
CA GLU B 356 21.26 -7.76 15.19
C GLU B 356 21.61 -9.22 14.94
N LEU B 357 22.58 -9.48 14.04
CA LEU B 357 23.05 -10.84 13.71
C LEU B 357 23.57 -11.52 14.95
N ALA B 358 24.23 -10.76 15.84
CA ALA B 358 24.74 -11.37 17.08
C ALA B 358 23.65 -12.16 17.79
N ALA B 359 22.39 -11.85 17.56
CA ALA B 359 21.39 -12.63 18.28
C ALA B 359 21.28 -14.03 17.79
N GLU B 360 21.76 -14.29 16.58
CA GLU B 360 21.56 -15.55 15.92
C GLU B 360 22.72 -16.50 16.21
N GLU B 361 22.61 -17.77 15.81
CA GLU B 361 23.79 -18.61 15.90
C GLU B 361 24.63 -18.55 14.64
N VAL B 362 25.80 -17.94 14.78
CA VAL B 362 26.60 -17.58 13.65
C VAL B 362 27.89 -18.37 13.56
N GLU B 363 27.96 -19.53 14.22
CA GLU B 363 29.21 -20.24 14.18
C GLU B 363 29.50 -20.57 12.72
N VAL B 364 28.49 -20.93 11.94
CA VAL B 364 28.75 -21.36 10.57
C VAL B 364 29.39 -20.26 9.77
N LEU B 365 29.30 -19.03 10.25
CA LEU B 365 29.98 -17.95 9.59
C LEU B 365 31.50 -18.11 9.67
N ARG B 366 32.02 -18.63 10.78
CA ARG B 366 33.48 -18.83 10.91
C ARG B 366 33.98 -19.71 9.80
N LEU B 367 33.31 -20.84 9.65
CA LEU B 367 33.63 -21.76 8.56
C LEU B 367 33.65 -21.03 7.21
N SER B 368 32.57 -20.32 6.86
CA SER B 368 32.57 -19.50 5.64
C SER B 368 33.82 -18.61 5.50
N ALA B 369 34.12 -17.82 6.52
CA ALA B 369 35.37 -17.03 6.53
C ALA B 369 36.64 -17.86 6.27
N LEU B 370 36.81 -18.92 7.05
CA LEU B 370 37.97 -19.78 6.87
C LEU B 370 37.94 -20.25 5.46
N ARG B 371 36.74 -20.57 4.96
CA ARG B 371 36.56 -21.11 3.60
C ARG B 371 37.09 -20.23 2.48
N GLY B 372 36.67 -18.96 2.45
CA GLY B 372 37.19 -18.02 1.47
C GLY B 372 38.70 -17.84 1.61
N LEU B 373 39.12 -17.47 2.81
CA LEU B 373 40.52 -17.41 3.18
C LEU B 373 41.41 -18.53 2.59
N PHE B 374 40.94 -19.78 2.58
CA PHE B 374 41.73 -20.89 2.02
C PHE B 374 41.48 -21.16 0.56
N SER B 375 40.38 -20.63 0.03
CA SER B 375 40.16 -20.73 -1.40
C SER B 375 41.13 -19.74 -2.05
N ALA B 376 41.27 -18.58 -1.39
CA ALA B 376 42.18 -17.52 -1.84
C ALA B 376 43.68 -17.75 -1.57
N VAL B 377 44.07 -18.94 -1.13
CA VAL B 377 45.51 -19.23 -0.95
C VAL B 377 45.93 -20.64 -1.39
N ILE B 378 45.00 -21.59 -1.33
CA ILE B 378 45.34 -22.99 -1.60
C ILE B 378 44.48 -23.63 -2.70
N GLU B 379 45.13 -23.91 -3.82
CA GLU B 379 44.54 -24.62 -4.96
C GLU B 379 43.43 -25.58 -4.52
N THR B 383 35.70 -27.57 1.39
CA THR B 383 34.40 -27.92 1.95
C THR B 383 34.21 -27.28 3.32
N PHE B 384 33.06 -27.57 3.94
CA PHE B 384 32.68 -26.98 5.22
C PHE B 384 33.07 -27.82 6.45
N VAL B 385 33.76 -28.95 6.23
CA VAL B 385 34.22 -29.75 7.36
C VAL B 385 35.67 -30.17 7.17
N ASN B 386 36.14 -30.12 5.94
CA ASN B 386 37.56 -30.30 5.66
C ASN B 386 38.34 -29.06 6.11
N ALA B 387 37.68 -27.91 6.02
CA ALA B 387 38.33 -26.65 6.34
C ALA B 387 38.90 -26.56 7.76
N PRO B 388 38.07 -26.77 8.79
CA PRO B 388 38.64 -26.55 10.11
C PRO B 388 39.90 -27.38 10.35
N ALA B 389 39.96 -28.57 9.74
CA ALA B 389 41.13 -29.44 9.87
C ALA B 389 42.25 -29.04 8.90
N LEU B 390 41.87 -28.43 7.78
CA LEU B 390 42.83 -27.90 6.83
C LEU B 390 43.63 -26.77 7.48
N ALA B 391 42.92 -25.90 8.19
CA ALA B 391 43.48 -24.73 8.88
C ALA B 391 44.57 -25.04 9.90
N ALA B 392 44.23 -25.95 10.80
CA ALA B 392 45.17 -26.42 11.81
C ALA B 392 46.43 -27.02 11.18
N GLU B 393 46.31 -27.50 9.94
CA GLU B 393 47.45 -28.10 9.28
C GLU B 393 48.39 -27.01 8.76
N ARG B 394 47.92 -25.77 8.82
CA ARG B 394 48.69 -24.61 8.36
C ARG B 394 48.84 -23.58 9.46
N GLY B 395 48.56 -24.01 10.68
CA GLY B 395 48.73 -23.17 11.86
C GLY B 395 47.74 -22.02 12.02
N VAL B 396 46.90 -21.79 11.02
CA VAL B 396 45.88 -20.75 11.10
C VAL B 396 44.86 -21.12 12.16
N THR B 397 44.73 -20.31 13.20
CA THR B 397 43.67 -20.48 14.20
C THR B 397 42.51 -19.49 14.00
N ALA B 398 41.29 -20.01 13.89
CA ALA B 398 40.07 -19.19 13.80
C ALA B 398 39.51 -18.80 15.19
N GLU B 399 38.80 -17.67 15.21
CA GLU B 399 38.08 -17.21 16.38
C GLU B 399 36.85 -16.48 15.83
N ILE B 400 35.76 -16.52 16.60
CA ILE B 400 34.55 -15.78 16.26
C ILE B 400 33.97 -15.01 17.43
N CYS B 401 33.40 -13.85 17.14
CA CYS B 401 32.91 -12.98 18.20
C CYS B 401 31.50 -12.46 17.95
N LYS B 402 30.72 -12.37 19.01
CA LYS B 402 29.33 -11.90 18.91
C LYS B 402 29.11 -10.83 19.93
N ALA B 403 28.84 -9.62 19.46
CA ALA B 403 28.44 -8.53 20.38
C ALA B 403 27.21 -7.78 19.88
N SER B 404 26.34 -7.37 20.81
CA SER B 404 25.09 -6.72 20.44
C SER B 404 25.37 -5.37 19.84
N GLU B 405 26.32 -4.66 20.46
CA GLU B 405 26.77 -3.34 20.01
C GLU B 405 27.49 -3.27 18.65
N SER B 406 26.84 -2.65 17.68
CA SER B 406 27.44 -2.20 16.43
C SER B 406 27.19 -0.73 16.39
N PRO B 407 28.19 0.06 16.01
CA PRO B 407 28.07 1.48 16.32
C PRO B 407 27.57 2.27 15.12
N ASN B 408 27.46 1.60 13.98
CA ASN B 408 26.88 2.25 12.84
C ASN B 408 25.80 1.40 12.15
N HIS B 409 26.20 0.31 11.49
CA HIS B 409 25.23 -0.53 10.81
C HIS B 409 24.39 -1.35 11.81
N ARG B 410 23.21 -1.77 11.39
CA ARG B 410 22.34 -2.55 12.27
C ARG B 410 22.98 -3.91 12.53
N SER B 411 23.65 -4.40 11.49
CA SER B 411 24.40 -5.62 11.54
C SER B 411 25.66 -5.43 10.65
N VAL B 412 26.78 -5.98 11.09
CA VAL B 412 28.00 -5.99 10.32
C VAL B 412 28.98 -7.07 10.80
N VAL B 413 29.56 -7.82 9.85
CA VAL B 413 30.61 -8.83 10.16
C VAL B 413 31.99 -8.36 9.79
N ASP B 414 32.90 -8.47 10.76
CA ASP B 414 34.32 -8.06 10.59
C ASP B 414 35.20 -9.28 10.55
N VAL B 415 35.86 -9.54 9.41
CA VAL B 415 36.87 -10.60 9.32
C VAL B 415 38.27 -10.02 9.59
N ARG B 416 39.03 -10.60 10.49
CA ARG B 416 40.33 -10.03 10.85
C ARG B 416 41.48 -11.05 10.83
N ALA B 417 42.52 -10.79 10.01
CA ALA B 417 43.67 -11.69 9.82
C ALA B 417 44.98 -11.10 10.34
N VAL B 418 45.63 -11.79 11.26
CA VAL B 418 46.91 -11.30 11.77
C VAL B 418 48.07 -12.12 11.20
N GLY B 419 49.19 -11.46 10.92
CA GLY B 419 50.35 -12.13 10.34
C GLY B 419 51.36 -12.60 11.36
N ALA B 420 52.29 -13.45 10.93
CA ALA B 420 53.30 -13.95 11.83
C ALA B 420 53.96 -12.75 12.51
N ASP B 421 54.42 -11.80 11.69
CA ASP B 421 55.09 -10.58 12.19
C ASP B 421 54.20 -9.77 13.14
N GLY B 422 52.94 -9.60 12.77
CA GLY B 422 52.00 -8.93 13.66
C GLY B 422 51.03 -8.01 12.94
N SER B 423 51.26 -7.79 11.64
CA SER B 423 50.43 -6.89 10.82
C SER B 423 48.97 -7.36 10.69
N VAL B 424 48.06 -6.37 10.70
CA VAL B 424 46.61 -6.59 10.73
C VAL B 424 45.90 -6.19 9.44
N VAL B 425 44.84 -6.91 9.10
CA VAL B 425 43.98 -6.53 7.98
C VAL B 425 42.56 -6.75 8.46
N THR B 426 41.68 -5.78 8.20
CA THR B 426 40.28 -6.01 8.49
C THR B 426 39.36 -5.74 7.28
N VAL B 427 38.36 -6.57 7.07
CA VAL B 427 37.38 -6.32 6.02
C VAL B 427 35.98 -6.54 6.60
N SER B 428 34.99 -5.71 6.22
CA SER B 428 33.61 -5.85 6.77
C SER B 428 32.48 -5.83 5.73
N GLY B 429 31.46 -6.66 5.93
CA GLY B 429 30.30 -6.64 5.01
C GLY B 429 28.96 -6.38 5.70
N THR B 430 27.93 -5.96 4.96
CA THR B 430 26.54 -6.09 5.40
C THR B 430 25.52 -6.40 4.30
N LEU B 431 24.33 -6.83 4.72
CA LEU B 431 23.20 -6.99 3.81
C LEU B 431 22.11 -6.04 4.27
N TYR B 432 21.42 -5.41 3.33
CA TYR B 432 20.23 -4.61 3.65
C TYR B 432 19.40 -4.35 2.42
N GLY B 433 18.18 -3.84 2.62
CA GLY B 433 17.29 -3.62 1.50
C GLY B 433 16.57 -4.90 1.12
N PRO B 434 15.49 -4.77 0.31
CA PRO B 434 14.59 -5.83 -0.21
C PRO B 434 15.35 -6.94 -0.95
N GLN B 435 16.14 -6.55 -1.93
CA GLN B 435 17.23 -7.39 -2.44
C GLN B 435 18.35 -7.21 -1.45
N LEU B 436 18.54 -8.19 -0.56
CA LEU B 436 19.52 -8.05 0.48
C LEU B 436 20.88 -8.12 -0.16
N SER B 437 21.39 -6.96 -0.56
CA SER B 437 22.62 -6.88 -1.35
C SER B 437 23.83 -6.89 -0.45
N GLN B 438 24.78 -7.75 -0.76
CA GLN B 438 25.99 -7.86 0.05
C GLN B 438 26.86 -6.66 -0.26
N LYS B 439 27.15 -5.84 0.74
CA LYS B 439 28.02 -4.69 0.48
C LYS B 439 29.27 -4.80 1.30
N ILE B 440 30.40 -4.35 0.75
CA ILE B 440 31.63 -4.25 1.54
C ILE B 440 31.72 -2.90 2.17
N VAL B 441 32.23 -2.82 3.37
CA VAL B 441 32.01 -1.62 4.14
C VAL B 441 33.21 -1.04 4.89
N GLN B 442 34.17 -1.90 5.25
CA GLN B 442 35.43 -1.40 5.83
C GLN B 442 36.63 -2.11 5.23
N ILE B 443 37.72 -1.37 5.01
CA ILE B 443 39.02 -1.97 4.71
C ILE B 443 40.04 -1.21 5.52
N ASN B 444 40.34 -1.76 6.69
CA ASN B 444 41.34 -1.19 7.60
C ASN B 444 40.93 0.12 8.26
N GLY B 445 39.64 0.29 8.52
CA GLY B 445 39.16 1.51 9.15
C GLY B 445 38.96 2.65 8.18
N ARG B 446 38.71 2.31 6.93
CA ARG B 446 38.21 3.28 5.97
C ARG B 446 36.84 2.71 5.54
N HIS B 447 35.82 3.57 5.51
CA HIS B 447 34.45 3.17 5.19
C HIS B 447 34.09 3.31 3.70
N PHE B 448 33.30 2.35 3.22
CA PHE B 448 32.99 2.23 1.83
C PHE B 448 31.57 1.73 1.80
N ASP B 449 30.89 1.74 0.65
CA ASP B 449 29.65 0.98 0.45
C ASP B 449 29.61 0.37 -0.96
N LEU B 450 30.45 -0.64 -1.21
CA LEU B 450 30.52 -1.25 -2.51
C LEU B 450 29.93 -2.63 -2.53
N ARG B 451 29.22 -2.94 -3.62
CA ARG B 451 28.71 -4.29 -3.85
C ARG B 451 29.86 -5.27 -3.88
N ALA B 452 29.88 -6.16 -2.90
CA ALA B 452 30.71 -7.36 -2.92
C ALA B 452 30.40 -8.34 -4.08
N GLN B 453 30.60 -7.89 -5.34
CA GLN B 453 30.51 -8.68 -6.62
C GLN B 453 31.45 -8.12 -7.73
N GLY B 454 31.60 -8.87 -8.83
CA GLY B 454 32.39 -8.43 -9.99
C GLY B 454 33.87 -8.35 -9.68
N ILE B 455 34.69 -7.97 -10.66
CA ILE B 455 36.13 -7.84 -10.40
C ILE B 455 36.53 -6.50 -9.77
N ASN B 456 37.03 -6.56 -8.53
CA ASN B 456 37.43 -5.36 -7.82
C ASN B 456 38.92 -5.21 -7.75
N LEU B 457 39.41 -3.99 -7.94
CA LEU B 457 40.84 -3.71 -7.75
C LEU B 457 41.05 -2.82 -6.51
N ILE B 458 41.83 -3.30 -5.55
CA ILE B 458 42.20 -2.50 -4.37
C ILE B 458 43.62 -1.94 -4.48
N ILE B 459 43.80 -0.69 -4.08
CA ILE B 459 45.14 -0.10 -4.07
C ILE B 459 45.43 0.75 -2.82
N HIS B 460 46.57 0.50 -2.18
CA HIS B 460 47.01 1.29 -1.05
C HIS B 460 48.29 1.99 -1.54
N TYR B 461 48.24 3.32 -1.66
CA TYR B 461 49.27 4.09 -2.39
C TYR B 461 49.57 5.41 -1.72
N VAL B 462 50.50 6.17 -2.30
CA VAL B 462 50.89 7.45 -1.72
C VAL B 462 49.92 8.54 -2.10
N ASP B 463 49.29 9.15 -1.09
CA ASP B 463 48.34 10.24 -1.29
C ASP B 463 49.03 11.54 -1.75
N ARG B 464 48.91 11.85 -3.04
CA ARG B 464 49.38 13.11 -3.61
C ARG B 464 48.62 13.45 -4.88
N PRO B 465 48.67 14.72 -5.30
CA PRO B 465 47.96 15.11 -6.53
C PRO B 465 48.38 14.28 -7.75
N GLY B 466 47.39 13.83 -8.53
CA GLY B 466 47.66 13.07 -9.77
C GLY B 466 47.35 11.61 -9.64
N ALA B 467 47.51 11.11 -8.40
CA ALA B 467 47.24 9.75 -8.01
C ALA B 467 45.96 9.23 -8.63
N LEU B 468 44.84 9.90 -8.34
CA LEU B 468 43.56 9.47 -8.89
C LEU B 468 43.63 9.52 -10.42
N GLY B 469 44.23 10.59 -10.94
CA GLY B 469 44.34 10.82 -12.38
C GLY B 469 44.98 9.66 -13.08
N LYS B 470 46.16 9.30 -12.56
CA LYS B 470 47.00 8.28 -13.16
C LYS B 470 46.35 6.91 -13.13
N ILE B 471 45.73 6.55 -11.99
CA ILE B 471 45.03 5.25 -11.84
C ILE B 471 44.01 5.12 -12.96
N GLY B 472 43.06 6.07 -12.99
CA GLY B 472 42.09 6.18 -14.10
C GLY B 472 42.70 6.17 -15.50
N THR B 473 43.67 7.06 -15.77
CA THR B 473 44.19 7.15 -17.15
C THR B 473 44.76 5.84 -17.69
N LEU B 474 45.56 5.17 -16.86
CA LEU B 474 46.09 3.84 -17.15
C LEU B 474 45.03 2.75 -17.38
N LEU B 475 43.99 2.75 -16.53
CA LEU B 475 42.87 1.81 -16.68
C LEU B 475 42.09 2.07 -17.95
N GLY B 476 41.91 3.36 -18.24
CA GLY B 476 41.14 3.77 -19.39
C GLY B 476 41.88 3.25 -20.59
N THR B 477 43.13 3.68 -20.63
CA THR B 477 44.05 3.36 -21.68
C THR B 477 44.04 1.83 -21.93
N ALA B 478 43.92 1.03 -20.80
CA ALA B 478 43.82 -0.43 -21.07
C ALA B 478 42.43 -0.86 -21.57
N GLY B 479 41.50 0.12 -21.82
CA GLY B 479 40.16 -0.24 -22.35
C GLY B 479 39.30 -0.79 -21.23
N VAL B 480 39.89 -0.84 -20.03
CA VAL B 480 39.17 -1.31 -18.84
C VAL B 480 38.18 -0.25 -18.35
N ASN B 481 36.92 -0.66 -18.20
CA ASN B 481 35.87 0.26 -17.75
C ASN B 481 35.65 0.12 -16.26
N ILE B 482 35.50 1.25 -15.55
CA ILE B 482 35.22 1.20 -14.10
C ILE B 482 33.73 1.33 -13.85
N GLN B 483 33.18 0.45 -13.02
CA GLN B 483 31.74 0.47 -12.71
C GLN B 483 31.38 1.32 -11.50
N ALA B 484 32.26 1.37 -10.52
CA ALA B 484 32.02 2.11 -9.29
C ALA B 484 33.36 2.19 -8.60
N ALA B 485 33.50 3.07 -7.62
CA ALA B 485 34.80 3.22 -6.97
C ALA B 485 34.65 4.26 -5.95
N GLN B 486 35.53 4.14 -4.98
CA GLN B 486 35.51 4.96 -3.77
C GLN B 486 36.94 4.91 -3.24
N LEU B 487 37.43 6.06 -2.78
CA LEU B 487 38.77 6.14 -2.20
C LEU B 487 38.69 7.09 -1.04
N SER B 488 39.55 6.93 -0.04
CA SER B 488 39.57 7.91 1.03
C SER B 488 41.00 8.06 1.49
N GLU B 489 41.32 9.25 2.00
CA GLU B 489 42.62 9.48 2.59
C GLU B 489 42.60 8.75 3.91
N ASP B 490 43.79 8.32 4.33
CA ASP B 490 43.92 7.44 5.46
C ASP B 490 43.88 8.24 6.75
N ALA B 491 43.76 7.52 7.88
CA ALA B 491 43.64 8.15 9.17
C ALA B 491 44.83 9.07 9.46
N GLU B 492 46.03 8.51 9.41
CA GLU B 492 47.24 9.24 9.83
C GLU B 492 48.42 9.17 8.82
N GLY B 493 48.50 8.10 8.03
CA GLY B 493 49.59 7.94 7.04
C GLY B 493 49.70 8.99 5.93
N PRO B 494 50.80 8.97 5.18
CA PRO B 494 50.85 9.93 4.09
C PRO B 494 50.22 9.30 2.85
N GLY B 495 49.38 8.30 3.08
CA GLY B 495 48.81 7.51 2.00
C GLY B 495 47.32 7.59 1.92
N ALA B 496 46.75 6.85 0.97
CA ALA B 496 45.33 6.85 0.69
C ALA B 496 44.95 5.52 0.10
N THR B 497 43.69 5.16 0.21
CA THR B 497 43.26 3.83 -0.21
C THR B 497 42.30 3.97 -1.35
N ILE B 498 42.13 2.91 -2.13
CA ILE B 498 41.15 2.94 -3.21
C ILE B 498 40.61 1.57 -3.62
N LEU B 499 39.31 1.54 -3.91
CA LEU B 499 38.59 0.35 -4.30
C LEU B 499 37.81 0.58 -5.64
N LEU B 500 38.14 -0.16 -6.71
CA LEU B 500 37.38 0.01 -7.94
C LEU B 500 36.74 -1.26 -8.47
N ARG B 501 35.47 -1.19 -8.89
CA ARG B 501 34.89 -2.31 -9.63
C ARG B 501 35.11 -2.22 -11.15
N LEU B 502 35.92 -3.14 -11.69
CA LEU B 502 36.24 -3.16 -13.14
C LEU B 502 35.32 -4.12 -13.88
N ASP B 503 35.08 -3.83 -15.16
CA ASP B 503 34.28 -4.72 -15.99
C ASP B 503 35.05 -5.94 -16.54
N GLN B 504 36.33 -6.08 -16.15
CA GLN B 504 37.24 -7.12 -16.69
C GLN B 504 38.56 -7.05 -15.93
N ASP B 505 39.33 -8.14 -15.97
CA ASP B 505 40.61 -8.25 -15.22
C ASP B 505 41.72 -7.31 -15.73
N VAL B 506 42.67 -6.97 -14.87
CA VAL B 506 43.81 -6.15 -15.28
C VAL B 506 45.00 -7.00 -15.73
N PRO B 507 45.39 -6.87 -17.01
CA PRO B 507 46.61 -7.58 -17.37
C PRO B 507 47.73 -7.17 -16.43
N ASP B 508 48.63 -8.11 -16.16
CA ASP B 508 49.66 -7.94 -15.15
C ASP B 508 50.50 -6.69 -15.33
N ASP B 509 50.80 -6.35 -16.58
CA ASP B 509 51.66 -5.20 -16.88
C ASP B 509 51.02 -3.91 -16.46
N VAL B 510 49.71 -3.83 -16.67
CA VAL B 510 48.94 -2.64 -16.38
C VAL B 510 48.94 -2.52 -14.88
N ARG B 511 48.80 -3.65 -14.20
CA ARG B 511 48.82 -3.67 -12.73
C ARG B 511 50.09 -3.06 -12.25
N THR B 512 51.20 -3.59 -12.77
CA THR B 512 52.54 -3.06 -12.47
C THR B 512 52.77 -1.59 -12.87
N ALA B 513 52.29 -1.19 -14.04
CA ALA B 513 52.44 0.19 -14.47
C ALA B 513 51.69 1.09 -13.52
N ILE B 514 50.50 0.67 -13.12
CA ILE B 514 49.69 1.40 -12.13
C ILE B 514 50.45 1.53 -10.81
N ALA B 515 50.97 0.40 -10.35
CA ALA B 515 51.67 0.33 -9.05
C ALA B 515 52.77 1.34 -8.96
N ALA B 516 53.64 1.30 -9.98
CA ALA B 516 54.80 2.18 -10.08
C ALA B 516 54.38 3.64 -10.10
N ALA B 517 53.20 3.88 -10.68
CA ALA B 517 52.81 5.24 -11.00
C ALA B 517 52.40 6.05 -9.77
N VAL B 518 51.66 5.40 -8.87
CA VAL B 518 51.16 6.01 -7.64
C VAL B 518 51.97 5.61 -6.39
N ASP B 519 53.05 4.85 -6.59
CA ASP B 519 53.86 4.30 -5.49
C ASP B 519 52.99 3.47 -4.56
N ALA B 520 52.30 2.49 -5.14
CA ALA B 520 51.40 1.63 -4.41
C ALA B 520 52.18 0.85 -3.36
N TYR B 521 51.70 0.90 -2.14
CA TYR B 521 52.26 0.09 -1.10
C TYR B 521 51.75 -1.31 -1.36
N LYS B 522 50.60 -1.39 -1.99
CA LYS B 522 49.93 -2.64 -2.16
C LYS B 522 48.83 -2.49 -3.19
N LEU B 523 48.79 -3.47 -4.08
CA LEU B 523 47.81 -3.53 -5.13
C LEU B 523 47.30 -4.98 -5.18
N GLU B 524 46.01 -5.14 -5.47
CA GLU B 524 45.40 -6.47 -5.60
C GLU B 524 44.13 -6.46 -6.45
N VAL B 525 43.89 -7.56 -7.16
CA VAL B 525 42.64 -7.73 -7.91
C VAL B 525 42.03 -9.06 -7.54
N VAL B 526 40.80 -9.03 -7.03
CA VAL B 526 40.10 -10.25 -6.62
C VAL B 526 38.66 -10.19 -7.15
N ASP B 527 38.10 -11.37 -7.42
CA ASP B 527 36.83 -11.44 -8.15
C ASP B 527 35.69 -11.92 -7.28
N LEU B 528 34.82 -11.04 -6.79
CA LEU B 528 33.77 -11.43 -5.81
C LEU B 528 32.46 -12.09 -6.33
N SER B 529 32.53 -12.79 -7.47
CA SER B 529 31.39 -13.67 -7.82
C SER B 529 31.22 -14.66 -6.69
#